data_1H3G
#
_entry.id   1H3G
#
_cell.length_a   181.339
_cell.length_b   181.339
_cell.length_c   231.511
_cell.angle_alpha   90.00
_cell.angle_beta   90.00
_cell.angle_gamma   120.00
#
_symmetry.space_group_name_H-M   'H 3 2'
#
loop_
_entity.id
_entity.type
_entity.pdbx_description
1 polymer Cyclomaltodextrinase
2 non-polymer 'CALCIUM ION'
3 water water
#
_entity_poly.entity_id   1
_entity_poly.type   'polypeptide(L)'
_entity_poly.pdbx_seq_one_letter_code
;(MSE)APTAIEH(MSE)EPPFWWAG(MSE)QHKGLQL(MSE)VHGRDIGR(MSE)EAALDYPGVRLVSTTRVPNANYLFV
DLEIGPEAQPGSFDIVFKGDGRSERYRYRLLAREQGSAQRQGFGPGDAIYQI(MSE)PDRFANGDPSNDNVAG(MSE)RE
QADRRHGGGRHGGDIRGTIDHLDYIAGLGFTQLWPTPLVENDAAAYSYHGYAATDHYRIDPRYGSNEDFVRLSTEARKRG
(MSE)GLIQDVVLSHIGKHHWW(MSE)KDLPTPDWINYGGKFVPTQHHRVAVQDPYAAQADSENFTKGWFVEG(MSE)PD
LNQTNPLVANYLIQNNIWWIEYAGLSGLRIDTYGYSDGAFLTEYTRRL(MSE)AEYPRLN(MSE)VGEEWSTRVPVVARW
QRGKANFDGYTSHLPSL(MSE)DFPLVDA(MSE)RNALSKTGEENGLNEVYETLSLDYLYPEPQNLVLFGGNHD(MSE)A
R(MSE)FSAAGEDFDRWR(MSE)NLVFL(MSE)T(MSE)PRIPQFYSGDEIL(MSE)TSTVKGRDDASYRRDFPGGWAGD
KANAFSGAGLTSQQRAAQDLVRKLANWRKNQPVIHNGRL(MSE)HFGPEENTWVYFRYNKDKRI(MSE)VA(MSE)NNND
KP(MSE)TLPTARFQE(MSE)LKGAPSGVDFLSGKTVGLGRELRLAPKSVVVIELPGLPEA
;
_entity_poly.pdbx_strand_id   A,B
#
loop_
_chem_comp.id
_chem_comp.type
_chem_comp.name
_chem_comp.formula
CA non-polymer 'CALCIUM ION' 'Ca 2'
#
# COMPACT_ATOMS: atom_id res chain seq x y z
N PRO A 3 -23.40 -6.10 31.31
CA PRO A 3 -22.28 -7.06 31.17
C PRO A 3 -21.33 -7.03 32.35
N THR A 4 -20.90 -8.19 32.78
CA THR A 4 -19.80 -8.35 33.71
C THR A 4 -18.63 -7.41 33.43
N ALA A 5 -17.71 -7.35 34.38
CA ALA A 5 -16.54 -6.49 34.28
C ALA A 5 -15.73 -6.83 33.04
N ILE A 6 -15.76 -8.09 32.65
CA ILE A 6 -15.09 -8.52 31.43
C ILE A 6 -16.03 -9.50 30.77
N GLU A 7 -16.82 -9.03 29.83
CA GLU A 7 -17.83 -9.84 29.19
C GLU A 7 -17.35 -10.50 27.90
N HIS A 8 -16.42 -9.85 27.19
CA HIS A 8 -15.86 -10.43 25.98
C HIS A 8 -14.41 -10.10 25.91
N MSE A 9 -13.63 -11.08 25.52
CA MSE A 9 -12.20 -10.91 25.34
C MSE A 9 -11.89 -11.50 23.97
O MSE A 9 -11.90 -12.71 23.80
CB MSE A 9 -11.49 -11.71 26.41
CG MSE A 9 -10.04 -11.94 26.15
SE MSE A 9 -9.17 -10.23 26.33
CE MSE A 9 -8.84 -10.20 28.23
N GLU A 10 -11.64 -10.66 22.97
CA GLU A 10 -11.43 -11.19 21.62
C GLU A 10 -10.15 -10.71 20.98
N PRO A 11 -9.38 -11.62 20.37
CA PRO A 11 -9.69 -13.05 20.33
C PRO A 11 -9.46 -13.69 21.69
N PRO A 12 -10.16 -14.80 21.96
CA PRO A 12 -10.18 -15.40 23.29
C PRO A 12 -8.84 -15.98 23.73
N PHE A 13 -7.97 -16.30 22.78
CA PHE A 13 -6.65 -16.79 23.08
C PHE A 13 -5.93 -16.66 21.78
N TRP A 14 -4.61 -16.82 21.80
CA TRP A 14 -3.82 -16.65 20.60
C TRP A 14 -2.73 -17.73 20.61
N TRP A 15 -1.75 -17.59 19.72
CA TRP A 15 -0.72 -18.60 19.59
C TRP A 15 0.62 -17.98 19.63
N ALA A 16 1.58 -18.74 20.11
CA ALA A 16 2.95 -18.32 20.04
C ALA A 16 3.34 -18.54 18.59
N GLY A 17 4.31 -17.77 18.11
CA GLY A 17 4.93 -18.03 16.82
C GLY A 17 4.11 -17.71 15.58
N MSE A 18 3.27 -16.69 15.66
CA MSE A 18 2.52 -16.25 14.51
C MSE A 18 3.47 -15.39 13.69
O MSE A 18 4.49 -14.93 14.20
CB MSE A 18 1.29 -15.46 14.93
CG MSE A 18 0.28 -16.30 15.71
SE MSE A 18 -0.41 -17.82 14.71
CE MSE A 18 -1.62 -16.80 13.60
N GLN A 19 3.14 -15.16 12.42
CA GLN A 19 3.98 -14.33 11.59
C GLN A 19 3.92 -12.87 12.06
N HIS A 20 2.71 -12.34 12.19
CA HIS A 20 2.55 -10.97 12.67
C HIS A 20 2.59 -11.02 14.21
N LYS A 21 3.47 -10.23 14.83
CA LYS A 21 3.69 -10.27 16.28
C LYS A 21 2.59 -9.60 17.11
N GLY A 22 2.05 -8.52 16.56
CA GLY A 22 1.05 -7.72 17.22
C GLY A 22 -0.26 -8.43 17.41
N LEU A 23 -0.87 -8.19 18.54
CA LEU A 23 -2.17 -8.73 18.83
C LEU A 23 -2.93 -7.59 19.46
N GLN A 24 -4.11 -7.31 18.95
CA GLN A 24 -4.91 -6.26 19.55
C GLN A 24 -6.14 -6.90 20.16
N LEU A 25 -6.17 -6.92 21.49
CA LEU A 25 -7.31 -7.48 22.17
C LEU A 25 -8.43 -6.48 22.28
N MSE A 26 -9.64 -6.92 21.96
CA MSE A 26 -10.81 -6.10 22.16
C MSE A 26 -11.49 -6.64 23.41
O MSE A 26 -11.92 -7.78 23.44
CB MSE A 26 -11.76 -6.18 20.98
CG MSE A 26 -12.91 -5.20 21.10
SE MSE A 26 -13.89 -5.18 19.40
CE MSE A 26 -15.38 -4.08 19.97
N VAL A 27 -11.54 -5.81 24.44
CA VAL A 27 -12.09 -6.22 25.69
C VAL A 27 -13.37 -5.46 25.86
N HIS A 28 -14.43 -6.19 26.18
CA HIS A 28 -15.72 -5.58 26.41
C HIS A 28 -16.14 -5.91 27.82
N GLY A 29 -16.57 -4.90 28.56
CA GLY A 29 -16.99 -5.09 29.93
C GLY A 29 -17.37 -3.77 30.55
N ARG A 30 -18.22 -3.82 31.57
CA ARG A 30 -18.67 -2.60 32.20
C ARG A 30 -17.48 -1.75 32.64
N ASP A 31 -17.37 -0.57 32.06
CA ASP A 31 -16.33 0.40 32.37
C ASP A 31 -14.90 -0.15 32.26
N ILE A 32 -14.69 -1.21 31.50
CA ILE A 32 -13.34 -1.71 31.32
C ILE A 32 -12.47 -0.62 30.68
N GLY A 33 -13.10 0.28 29.93
CA GLY A 33 -12.39 1.36 29.25
C GLY A 33 -11.74 2.36 30.18
N ARG A 34 -12.08 2.30 31.46
CA ARG A 34 -11.49 3.21 32.42
C ARG A 34 -10.29 2.54 33.07
N MSE A 35 -10.05 1.29 32.73
CA MSE A 35 -8.98 0.51 33.32
C MSE A 35 -7.67 0.73 32.60
O MSE A 35 -7.65 1.07 31.45
CB MSE A 35 -9.31 -0.98 33.27
CG MSE A 35 -10.65 -1.34 33.88
SE MSE A 35 -10.71 -0.91 35.76
CE MSE A 35 -11.08 0.88 35.58
N GLU A 36 -6.58 0.50 33.30
CA GLU A 36 -5.26 0.53 32.67
C GLU A 36 -4.92 -0.94 32.65
N ALA A 37 -4.20 -1.40 31.66
CA ALA A 37 -3.88 -2.83 31.62
C ALA A 37 -2.41 -3.07 31.85
N ALA A 38 -2.07 -4.27 32.29
CA ALA A 38 -0.71 -4.68 32.51
C ALA A 38 -0.67 -6.20 32.48
N LEU A 39 0.52 -6.73 32.30
CA LEU A 39 0.71 -8.16 32.31
C LEU A 39 2.17 -8.42 32.49
N ASP A 40 2.52 -9.64 32.87
CA ASP A 40 3.90 -10.01 33.01
C ASP A 40 4.08 -11.43 32.51
N TYR A 41 4.70 -11.56 31.36
CA TYR A 41 4.91 -12.85 30.78
C TYR A 41 6.06 -12.68 29.84
N PRO A 42 7.00 -13.62 29.89
CA PRO A 42 8.20 -13.57 29.05
C PRO A 42 7.90 -13.65 27.55
N GLY A 43 8.37 -12.66 26.82
CA GLY A 43 8.21 -12.64 25.39
C GLY A 43 6.97 -11.91 24.95
N VAL A 44 6.21 -11.37 25.90
CA VAL A 44 5.00 -10.63 25.56
C VAL A 44 5.04 -9.24 26.13
N ARG A 45 4.76 -8.25 25.32
CA ARG A 45 4.82 -6.88 25.79
C ARG A 45 3.50 -6.16 25.64
N LEU A 46 3.12 -5.43 26.67
CA LEU A 46 1.93 -4.61 26.61
C LEU A 46 2.40 -3.34 25.93
N VAL A 47 1.98 -3.15 24.70
CA VAL A 47 2.42 -2.00 23.93
C VAL A 47 1.64 -0.76 24.31
N SER A 48 0.33 -0.90 24.33
CA SER A 48 -0.51 0.25 24.64
C SER A 48 -1.94 -0.19 24.78
N THR A 49 -2.77 0.74 25.21
CA THR A 49 -4.17 0.45 25.29
C THR A 49 -4.88 1.65 24.76
N THR A 50 -5.98 1.41 24.08
CA THR A 50 -6.74 2.49 23.54
C THR A 50 -8.14 2.45 24.11
N ARG A 51 -8.62 3.63 24.47
CA ARG A 51 -9.96 3.74 24.95
C ARG A 51 -10.72 4.67 24.05
N VAL A 52 -12.02 4.47 24.00
CA VAL A 52 -12.92 5.24 23.17
C VAL A 52 -14.02 5.86 24.05
N PRO A 53 -14.85 6.72 23.48
CA PRO A 53 -15.92 7.33 24.28
C PRO A 53 -16.81 6.31 24.99
N ASN A 54 -17.09 5.17 24.39
CA ASN A 54 -17.85 4.13 25.06
C ASN A 54 -16.93 3.46 26.06
N ALA A 55 -17.19 3.70 27.32
CA ALA A 55 -16.36 3.17 28.40
C ALA A 55 -16.47 1.64 28.59
N ASN A 56 -17.30 0.95 27.82
CA ASN A 56 -17.41 -0.50 28.00
C ASN A 56 -16.44 -1.28 27.13
N TYR A 57 -15.52 -0.57 26.49
CA TYR A 57 -14.57 -1.22 25.61
C TYR A 57 -13.17 -0.77 25.89
N LEU A 58 -12.25 -1.67 25.68
CA LEU A 58 -10.85 -1.38 25.82
C LEU A 58 -10.07 -2.21 24.82
N PHE A 59 -9.19 -1.55 24.08
CA PHE A 59 -8.35 -2.21 23.13
C PHE A 59 -6.95 -2.26 23.71
N VAL A 60 -6.44 -3.47 23.83
CA VAL A 60 -5.16 -3.68 24.42
C VAL A 60 -4.22 -4.23 23.37
N ASP A 61 -3.14 -3.51 23.12
CA ASP A 61 -2.21 -3.91 22.09
C ASP A 61 -1.02 -4.61 22.68
N LEU A 62 -0.84 -5.86 22.29
CA LEU A 62 0.26 -6.69 22.74
C LEU A 62 1.19 -6.96 21.57
N GLU A 63 2.45 -7.15 21.90
CA GLU A 63 3.44 -7.56 20.93
C GLU A 63 3.93 -8.91 21.44
N ILE A 64 3.69 -9.96 20.68
CA ILE A 64 4.11 -11.28 21.09
C ILE A 64 5.37 -11.62 20.32
N GLY A 65 6.49 -11.67 21.02
CA GLY A 65 7.77 -11.92 20.40
C GLY A 65 7.95 -13.37 20.06
N PRO A 66 8.97 -13.67 19.25
CA PRO A 66 9.27 -15.06 18.83
C PRO A 66 9.67 -15.95 20.01
N GLU A 67 10.21 -15.34 21.05
CA GLU A 67 10.63 -16.05 22.27
C GLU A 67 9.42 -16.39 23.14
N ALA A 68 8.29 -15.72 22.90
CA ALA A 68 7.08 -16.01 23.66
C ALA A 68 6.80 -17.50 23.54
N GLN A 69 6.49 -18.12 24.67
CA GLN A 69 6.23 -19.54 24.69
C GLN A 69 4.76 -19.80 24.93
N PRO A 70 4.29 -20.98 24.55
CA PRO A 70 2.94 -21.38 24.91
C PRO A 70 2.82 -21.39 26.42
N GLY A 71 1.70 -20.87 26.91
CA GLY A 71 1.46 -20.80 28.34
C GLY A 71 0.32 -19.83 28.58
N SER A 72 0.18 -19.38 29.82
CA SER A 72 -0.90 -18.46 30.11
C SER A 72 -0.42 -17.39 31.07
N PHE A 73 -1.12 -16.28 31.07
CA PHE A 73 -0.78 -15.20 31.95
C PHE A 73 -2.02 -14.36 32.24
N ASP A 74 -2.05 -13.75 33.41
CA ASP A 74 -3.13 -12.87 33.73
C ASP A 74 -2.92 -11.54 33.05
N ILE A 75 -3.99 -10.96 32.54
CA ILE A 75 -3.92 -9.58 32.15
C ILE A 75 -4.63 -8.92 33.33
N VAL A 76 -3.99 -7.96 33.97
CA VAL A 76 -4.64 -7.32 35.10
C VAL A 76 -4.98 -5.87 34.78
N PHE A 77 -6.21 -5.51 35.13
CA PHE A 77 -6.75 -4.20 34.88
C PHE A 77 -6.91 -3.47 36.20
N LYS A 78 -6.56 -2.19 36.19
CA LYS A 78 -6.58 -1.36 37.39
C LYS A 78 -7.22 -0.02 37.10
N GLY A 79 -7.99 0.51 38.03
CA GLY A 79 -8.59 1.83 37.87
C GLY A 79 -10.03 1.84 38.28
N ASP A 80 -10.68 3.00 38.12
CA ASP A 80 -12.10 3.14 38.42
C ASP A 80 -12.36 2.56 39.80
N GLY A 81 -11.34 2.63 40.66
CA GLY A 81 -11.42 2.11 42.00
C GLY A 81 -11.45 0.59 42.13
N ARG A 82 -10.89 -0.12 41.15
CA ARG A 82 -10.89 -1.58 41.23
C ARG A 82 -9.76 -2.25 40.44
N SER A 83 -9.78 -3.58 40.46
CA SER A 83 -8.78 -4.40 39.79
C SER A 83 -9.47 -5.65 39.27
N GLU A 84 -9.09 -6.07 38.07
CA GLU A 84 -9.67 -7.23 37.42
C GLU A 84 -8.54 -8.04 36.84
N ARG A 85 -8.74 -9.35 36.80
CA ARG A 85 -7.77 -10.26 36.24
C ARG A 85 -8.46 -11.11 35.20
N TYR A 86 -7.76 -11.37 34.11
CA TYR A 86 -8.28 -12.20 33.07
C TYR A 86 -7.16 -13.05 32.52
N ARG A 87 -7.36 -14.35 32.61
CA ARG A 87 -6.37 -15.31 32.17
C ARG A 87 -6.35 -15.39 30.66
N TYR A 88 -5.20 -15.17 30.07
CA TYR A 88 -5.05 -15.22 28.64
C TYR A 88 -4.05 -16.28 28.27
N ARG A 89 -4.37 -17.03 27.24
CA ARG A 89 -3.60 -18.19 26.84
C ARG A 89 -2.94 -18.02 25.48
N LEU A 90 -1.72 -18.50 25.38
CA LEU A 90 -1.00 -18.56 24.15
C LEU A 90 -0.78 -20.06 23.91
N LEU A 91 -1.30 -20.56 22.79
CA LEU A 91 -1.19 -21.98 22.42
C LEU A 91 0.02 -22.22 21.55
N ALA A 92 0.47 -23.46 21.53
CA ALA A 92 1.52 -23.86 20.62
C ALA A 92 0.81 -24.12 19.30
N ARG A 93 1.44 -23.79 18.19
CA ARG A 93 0.85 -24.06 16.89
C ARG A 93 1.11 -25.49 16.51
N GLU A 94 0.17 -26.11 15.81
CA GLU A 94 0.35 -27.47 15.33
C GLU A 94 1.50 -27.45 14.34
N GLN A 95 2.15 -28.60 14.19
CA GLN A 95 3.28 -28.74 13.31
C GLN A 95 2.87 -28.51 11.86
N GLY A 96 3.57 -27.61 11.17
CA GLY A 96 3.28 -27.29 9.77
C GLY A 96 2.11 -26.33 9.60
N SER A 97 1.68 -25.69 10.68
CA SER A 97 0.51 -24.82 10.61
C SER A 97 0.65 -23.70 9.57
N ALA A 98 1.74 -22.94 9.66
CA ALA A 98 1.94 -21.80 8.80
C ALA A 98 1.95 -22.18 7.32
N GLN A 99 2.53 -23.32 7.02
CA GLN A 99 2.70 -23.76 5.64
C GLN A 99 1.60 -24.68 5.18
N ARG A 100 0.49 -24.70 5.92
CA ARG A 100 -0.63 -25.57 5.57
C ARG A 100 -1.00 -25.38 4.11
N GLN A 101 -1.27 -26.50 3.45
CA GLN A 101 -1.57 -26.44 2.04
C GLN A 101 -3.04 -26.08 1.84
N GLY A 102 -3.28 -24.96 1.20
CA GLY A 102 -4.63 -24.55 0.92
C GLY A 102 -5.20 -25.43 -0.18
N PHE A 103 -6.51 -25.34 -0.37
CA PHE A 103 -7.12 -26.14 -1.41
C PHE A 103 -6.59 -25.67 -2.76
N GLY A 104 -6.51 -26.60 -3.71
CA GLY A 104 -6.00 -26.26 -5.02
C GLY A 104 -6.68 -27.00 -6.14
N PRO A 105 -6.10 -26.88 -7.33
CA PRO A 105 -6.65 -27.49 -8.54
C PRO A 105 -6.87 -28.98 -8.47
N GLY A 106 -6.10 -29.69 -7.67
CA GLY A 106 -6.29 -31.12 -7.54
C GLY A 106 -7.46 -31.45 -6.63
N ASP A 107 -8.01 -30.43 -5.96
CA ASP A 107 -9.12 -30.62 -5.05
C ASP A 107 -10.43 -30.47 -5.75
N ALA A 108 -11.46 -31.07 -5.18
CA ALA A 108 -12.82 -30.91 -5.63
C ALA A 108 -13.56 -30.48 -4.37
N ILE A 109 -14.30 -29.39 -4.46
CA ILE A 109 -14.98 -28.83 -3.30
C ILE A 109 -16.45 -29.21 -3.29
N TYR A 110 -16.90 -29.68 -2.15
CA TYR A 110 -18.27 -30.03 -1.96
C TYR A 110 -18.83 -28.99 -1.03
N GLN A 111 -19.78 -28.20 -1.52
CA GLN A 111 -20.40 -27.13 -0.75
C GLN A 111 -21.72 -27.58 -0.13
N ILE A 112 -21.88 -27.33 1.15
CA ILE A 112 -23.12 -27.61 1.84
C ILE A 112 -23.59 -26.34 2.57
N MSE A 113 -24.84 -26.36 2.95
CA MSE A 113 -25.42 -25.39 3.84
C MSE A 113 -25.69 -26.26 5.06
O MSE A 113 -26.51 -27.15 5.00
CB MSE A 113 -26.72 -24.84 3.32
CG MSE A 113 -26.58 -23.94 2.17
SE MSE A 113 -28.05 -22.65 2.18
CE MSE A 113 -27.60 -21.64 3.62
N PRO A 114 -24.99 -26.00 6.16
CA PRO A 114 -25.07 -26.85 7.35
C PRO A 114 -26.47 -27.13 7.81
N ASP A 115 -27.32 -26.10 7.83
CA ASP A 115 -28.69 -26.30 8.26
C ASP A 115 -29.48 -27.23 7.39
N ARG A 116 -29.06 -27.41 6.15
CA ARG A 116 -29.85 -28.15 5.19
C ARG A 116 -29.22 -29.46 4.73
N PHE A 117 -28.10 -29.86 5.32
CA PHE A 117 -27.44 -31.07 4.88
C PHE A 117 -27.88 -32.29 5.65
N ALA A 118 -27.53 -32.34 6.93
CA ALA A 118 -27.88 -33.45 7.76
C ALA A 118 -28.07 -33.02 9.21
N ASN A 119 -29.23 -33.43 9.75
CA ASN A 119 -29.57 -33.20 11.15
C ASN A 119 -29.13 -34.42 11.96
N GLY A 120 -27.90 -34.39 12.43
CA GLY A 120 -27.36 -35.51 13.20
C GLY A 120 -27.76 -35.46 14.65
N ASP A 121 -28.31 -34.33 15.08
CA ASP A 121 -28.72 -34.13 16.47
C ASP A 121 -29.94 -33.21 16.54
N PRO A 122 -31.13 -33.80 16.56
CA PRO A 122 -32.37 -33.02 16.68
C PRO A 122 -32.47 -32.18 17.96
N SER A 123 -31.72 -32.53 19.00
CA SER A 123 -31.79 -31.81 20.28
C SER A 123 -31.19 -30.41 20.21
N ASN A 124 -30.43 -30.11 19.16
CA ASN A 124 -29.88 -28.77 19.02
C ASN A 124 -30.61 -27.94 17.98
N ASP A 125 -31.67 -28.51 17.40
CA ASP A 125 -32.46 -27.79 16.40
C ASP A 125 -32.94 -26.51 17.03
N ASN A 126 -33.29 -26.58 18.30
CA ASN A 126 -33.64 -25.38 19.04
C ASN A 126 -32.73 -25.27 20.25
N VAL A 127 -32.37 -24.05 20.59
CA VAL A 127 -31.47 -23.83 21.71
C VAL A 127 -32.02 -22.70 22.55
N ALA A 128 -32.16 -22.95 23.84
CA ALA A 128 -32.69 -21.96 24.74
C ALA A 128 -31.86 -20.71 24.59
N GLY A 129 -32.51 -19.56 24.44
CA GLY A 129 -31.75 -18.34 24.31
C GLY A 129 -31.36 -17.94 22.90
N MSE A 130 -31.60 -18.81 21.93
CA MSE A 130 -31.46 -18.41 20.53
C MSE A 130 -32.88 -17.94 20.18
O MSE A 130 -33.85 -18.53 20.64
CB MSE A 130 -31.02 -19.59 19.64
CG MSE A 130 -29.56 -20.05 19.84
SE MSE A 130 -28.20 -18.71 19.39
CE MSE A 130 -28.86 -17.88 18.15
N ARG A 131 -33.01 -16.87 19.42
CA ARG A 131 -34.33 -16.31 19.14
C ARG A 131 -35.23 -17.17 18.27
N GLU A 132 -34.70 -17.57 17.12
CA GLU A 132 -35.53 -18.26 16.14
C GLU A 132 -35.74 -19.73 16.45
N GLN A 133 -37.01 -20.16 16.42
CA GLN A 133 -37.34 -21.56 16.59
C GLN A 133 -37.33 -22.25 15.23
N ALA A 134 -36.77 -23.46 15.21
CA ALA A 134 -36.68 -24.26 14.01
C ALA A 134 -38.04 -24.47 13.38
N ASP A 135 -38.07 -24.56 12.06
CA ASP A 135 -39.29 -24.89 11.35
C ASP A 135 -38.91 -25.46 10.01
N ARG A 136 -38.91 -26.76 9.94
CA ARG A 136 -38.53 -27.47 8.76
C ARG A 136 -39.48 -27.27 7.59
N ARG A 137 -40.67 -26.79 7.87
CA ARG A 137 -41.65 -26.56 6.83
C ARG A 137 -41.46 -25.21 6.16
N HIS A 138 -40.71 -24.33 6.79
CA HIS A 138 -40.46 -22.99 6.24
C HIS A 138 -39.18 -22.95 5.40
N GLY A 139 -39.33 -22.58 4.12
CA GLY A 139 -38.22 -22.54 3.20
C GLY A 139 -37.09 -21.68 3.72
N GLY A 140 -37.42 -20.64 4.48
CA GLY A 140 -36.43 -19.76 5.05
C GLY A 140 -36.28 -19.93 6.55
N GLY A 141 -36.68 -21.08 7.08
CA GLY A 141 -36.56 -21.32 8.51
C GLY A 141 -35.38 -22.22 8.75
N ARG A 142 -35.15 -22.53 10.01
CA ARG A 142 -34.09 -23.42 10.40
C ARG A 142 -34.61 -24.84 10.32
N HIS A 143 -33.86 -25.69 9.62
CA HIS A 143 -34.28 -27.05 9.41
C HIS A 143 -33.63 -28.03 10.34
N GLY A 144 -32.53 -27.63 10.96
CA GLY A 144 -31.90 -28.45 11.98
C GLY A 144 -30.63 -29.14 11.57
N GLY A 145 -30.14 -28.86 10.39
CA GLY A 145 -28.89 -29.46 9.96
C GLY A 145 -27.81 -29.02 10.93
N ASP A 146 -26.82 -29.87 11.16
CA ASP A 146 -25.80 -29.55 12.13
C ASP A 146 -24.47 -30.25 11.82
N ILE A 147 -23.46 -29.94 12.63
CA ILE A 147 -22.12 -30.47 12.46
C ILE A 147 -22.12 -31.98 12.69
N ARG A 148 -22.84 -32.44 13.69
CA ARG A 148 -22.91 -33.88 13.92
C ARG A 148 -23.40 -34.55 12.62
N GLY A 149 -24.44 -33.99 12.00
CA GLY A 149 -24.93 -34.57 10.77
C GLY A 149 -23.88 -34.59 9.68
N THR A 150 -23.13 -33.51 9.56
CA THR A 150 -22.08 -33.44 8.56
C THR A 150 -20.98 -34.45 8.81
N ILE A 151 -20.48 -34.50 10.04
CA ILE A 151 -19.45 -35.47 10.38
C ILE A 151 -19.92 -36.87 10.05
N ASP A 152 -21.17 -37.17 10.38
CA ASP A 152 -21.73 -38.50 10.13
C ASP A 152 -21.74 -38.89 8.65
N HIS A 153 -21.61 -37.91 7.75
CA HIS A 153 -21.69 -38.23 6.34
C HIS A 153 -20.45 -37.83 5.55
N LEU A 154 -19.37 -37.59 6.26
CA LEU A 154 -18.11 -37.29 5.62
C LEU A 154 -17.70 -38.44 4.72
N ASP A 155 -17.98 -39.68 5.12
CA ASP A 155 -17.62 -40.84 4.29
C ASP A 155 -18.28 -40.74 2.92
N TYR A 156 -19.54 -40.36 2.91
CA TYR A 156 -20.28 -40.18 1.67
C TYR A 156 -19.57 -39.15 0.81
N ILE A 157 -19.28 -38.00 1.41
CA ILE A 157 -18.61 -36.92 0.70
C ILE A 157 -17.24 -37.34 0.14
N ALA A 158 -16.43 -37.94 0.99
CA ALA A 158 -15.13 -38.40 0.57
C ALA A 158 -15.28 -39.45 -0.54
N GLY A 159 -16.26 -40.35 -0.37
CA GLY A 159 -16.54 -41.42 -1.30
C GLY A 159 -16.95 -40.91 -2.66
N LEU A 160 -17.60 -39.73 -2.71
CA LEU A 160 -17.97 -39.14 -3.98
C LEU A 160 -16.73 -38.66 -4.70
N GLY A 161 -15.62 -38.48 -3.97
CA GLY A 161 -14.39 -38.03 -4.59
C GLY A 161 -14.04 -36.58 -4.30
N PHE A 162 -14.75 -35.95 -3.38
CA PHE A 162 -14.43 -34.59 -3.01
C PHE A 162 -13.39 -34.57 -1.93
N THR A 163 -12.61 -33.50 -1.86
CA THR A 163 -11.48 -33.43 -0.96
C THR A 163 -11.44 -32.15 -0.14
N GLN A 164 -12.48 -31.36 -0.28
CA GLN A 164 -12.61 -30.13 0.47
C GLN A 164 -14.09 -29.94 0.76
N LEU A 165 -14.38 -29.54 1.99
CA LEU A 165 -15.74 -29.30 2.40
C LEU A 165 -15.89 -27.81 2.63
N TRP A 166 -16.89 -27.21 1.98
CA TRP A 166 -17.17 -25.78 2.14
C TRP A 166 -18.61 -25.61 2.65
N PRO A 167 -18.75 -25.40 3.95
CA PRO A 167 -20.06 -25.08 4.51
C PRO A 167 -20.28 -23.60 4.55
N THR A 168 -21.51 -23.18 4.30
CA THR A 168 -21.84 -21.77 4.51
C THR A 168 -21.63 -21.50 5.97
N PRO A 169 -21.56 -20.24 6.36
CA PRO A 169 -21.10 -19.88 7.69
C PRO A 169 -21.83 -20.57 8.81
N LEU A 170 -21.09 -20.92 9.83
CA LEU A 170 -21.63 -21.62 10.97
C LEU A 170 -21.57 -20.73 12.18
N VAL A 171 -21.06 -19.52 12.00
CA VAL A 171 -20.93 -18.58 13.12
C VAL A 171 -22.31 -18.18 13.61
N GLU A 172 -22.44 -17.93 14.91
CA GLU A 172 -23.72 -17.56 15.49
C GLU A 172 -24.49 -16.54 14.67
N ASN A 173 -25.75 -16.84 14.38
CA ASN A 173 -26.66 -15.95 13.67
C ASN A 173 -27.92 -15.90 14.49
N ASP A 174 -27.89 -15.14 15.57
CA ASP A 174 -29.06 -15.12 16.44
C ASP A 174 -30.10 -14.12 15.98
N ALA A 175 -30.56 -14.24 14.74
CA ALA A 175 -31.57 -13.34 14.22
C ALA A 175 -32.96 -13.88 14.54
N ALA A 176 -33.94 -13.00 14.47
CA ALA A 176 -35.31 -13.38 14.69
C ALA A 176 -35.79 -14.18 13.49
N ALA A 177 -35.30 -13.83 12.31
CA ALA A 177 -35.68 -14.51 11.08
C ALA A 177 -34.49 -14.80 10.17
N TYR A 178 -34.61 -15.83 9.34
CA TYR A 178 -33.58 -16.18 8.38
C TYR A 178 -32.22 -16.38 8.99
N SER A 179 -32.18 -16.93 10.19
CA SER A 179 -30.92 -17.16 10.84
C SER A 179 -30.19 -18.30 10.18
N TYR A 180 -30.92 -19.14 9.45
CA TYR A 180 -30.34 -20.35 8.88
C TYR A 180 -29.19 -20.13 7.92
N HIS A 181 -29.20 -19.03 7.17
CA HIS A 181 -28.23 -18.86 6.09
C HIS A 181 -26.80 -18.58 6.61
N GLY A 182 -26.70 -18.02 7.80
CA GLY A 182 -25.41 -17.80 8.41
C GLY A 182 -24.69 -16.52 8.05
N TYR A 183 -25.20 -15.77 7.10
CA TYR A 183 -24.52 -14.58 6.62
C TYR A 183 -24.72 -13.32 7.43
N ALA A 184 -25.32 -13.43 8.61
CA ALA A 184 -25.54 -12.21 9.41
C ALA A 184 -25.07 -12.52 10.82
N ALA A 185 -23.77 -12.51 10.99
CA ALA A 185 -23.16 -12.92 12.27
C ALA A 185 -23.56 -12.06 13.45
N THR A 186 -23.84 -12.70 14.55
CA THR A 186 -24.12 -12.00 15.79
C THR A 186 -23.04 -12.26 16.83
N ASP A 187 -22.07 -13.10 16.48
CA ASP A 187 -20.92 -13.40 17.36
C ASP A 187 -19.89 -14.11 16.48
N HIS A 188 -18.85 -13.39 16.09
CA HIS A 188 -17.82 -13.91 15.17
C HIS A 188 -16.92 -14.93 15.79
N TYR A 189 -16.94 -15.07 17.11
CA TYR A 189 -16.09 -16.07 17.77
C TYR A 189 -16.84 -17.27 18.24
N ARG A 190 -18.09 -17.39 17.81
CA ARG A 190 -18.87 -18.50 18.28
C ARG A 190 -19.66 -19.19 17.19
N ILE A 191 -19.47 -20.49 17.11
CA ILE A 191 -20.28 -21.30 16.23
C ILE A 191 -21.71 -21.21 16.75
N ASP A 192 -22.66 -21.20 15.85
CA ASP A 192 -24.03 -21.14 16.28
C ASP A 192 -24.36 -22.42 17.06
N PRO A 193 -24.90 -22.28 18.25
CA PRO A 193 -25.17 -23.43 19.12
C PRO A 193 -26.06 -24.43 18.44
N ARG A 194 -26.88 -23.99 17.50
CA ARG A 194 -27.77 -24.89 16.76
C ARG A 194 -27.00 -25.84 15.89
N TYR A 195 -25.77 -25.47 15.53
CA TYR A 195 -24.92 -26.35 14.72
C TYR A 195 -24.02 -27.19 15.58
N GLY A 196 -23.67 -26.66 16.74
CA GLY A 196 -22.77 -27.36 17.62
C GLY A 196 -21.95 -26.35 18.36
N SER A 197 -20.84 -26.81 18.92
CA SER A 197 -19.96 -25.97 19.70
C SER A 197 -18.71 -25.67 18.89
N ASN A 198 -17.93 -24.71 19.35
CA ASN A 198 -16.68 -24.38 18.69
C ASN A 198 -15.86 -25.65 18.54
N GLU A 199 -15.89 -26.46 19.57
CA GLU A 199 -15.14 -27.69 19.65
C GLU A 199 -15.62 -28.70 18.61
N ASP A 200 -16.93 -28.73 18.33
CA ASP A 200 -17.46 -29.64 17.33
C ASP A 200 -16.94 -29.24 15.94
N PHE A 201 -16.76 -27.95 15.73
CA PHE A 201 -16.29 -27.45 14.46
C PHE A 201 -14.87 -27.94 14.25
N VAL A 202 -14.04 -27.82 15.27
CA VAL A 202 -12.68 -28.32 15.19
C VAL A 202 -12.74 -29.82 14.90
N ARG A 203 -13.70 -30.51 15.49
CA ARG A 203 -13.84 -31.94 15.24
C ARG A 203 -14.21 -32.21 13.80
N LEU A 204 -15.11 -31.39 13.26
CA LEU A 204 -15.47 -31.49 11.85
C LEU A 204 -14.19 -31.46 11.01
N SER A 205 -13.36 -30.48 11.29
CA SER A 205 -12.10 -30.32 10.59
C SER A 205 -11.19 -31.55 10.75
N THR A 206 -11.06 -32.03 11.99
CA THR A 206 -10.16 -33.16 12.19
C THR A 206 -10.73 -34.41 11.57
N GLU A 207 -12.04 -34.60 11.65
CA GLU A 207 -12.66 -35.77 11.06
C GLU A 207 -12.59 -35.71 9.55
N ALA A 208 -12.67 -34.51 8.98
CA ALA A 208 -12.56 -34.35 7.55
C ALA A 208 -11.15 -34.71 7.12
N ARG A 209 -10.19 -34.22 7.89
CA ARG A 209 -8.81 -34.46 7.60
C ARG A 209 -8.48 -35.94 7.58
N LYS A 210 -9.07 -36.71 8.49
CA LYS A 210 -8.81 -38.14 8.51
C LYS A 210 -9.24 -38.75 7.19
N ARG A 211 -10.30 -38.21 6.60
CA ARG A 211 -10.79 -38.74 5.35
C ARG A 211 -10.16 -38.07 4.13
N GLY A 212 -9.06 -37.34 4.34
CA GLY A 212 -8.35 -36.70 3.25
C GLY A 212 -9.01 -35.42 2.76
N MSE A 213 -9.87 -34.83 3.59
CA MSE A 213 -10.57 -33.63 3.17
C MSE A 213 -10.18 -32.43 3.98
O MSE A 213 -10.01 -32.53 5.19
CB MSE A 213 -12.06 -33.83 3.32
CG MSE A 213 -12.67 -34.80 2.33
SE MSE A 213 -14.60 -34.98 2.65
CE MSE A 213 -14.65 -35.35 4.32
N GLY A 214 -10.06 -31.29 3.31
CA GLY A 214 -9.81 -30.03 3.98
C GLY A 214 -11.14 -29.36 4.27
N LEU A 215 -11.11 -28.35 5.13
CA LEU A 215 -12.31 -27.63 5.51
C LEU A 215 -12.11 -26.17 5.18
N ILE A 216 -13.03 -25.62 4.40
CA ILE A 216 -12.97 -24.24 3.96
C ILE A 216 -14.08 -23.49 4.68
N GLN A 217 -13.71 -22.43 5.36
CA GLN A 217 -14.69 -21.66 6.08
C GLN A 217 -15.18 -20.48 5.28
N ASP A 218 -16.49 -20.27 5.29
CA ASP A 218 -17.15 -19.18 4.58
C ASP A 218 -17.20 -17.99 5.51
N VAL A 219 -16.52 -16.89 5.20
CA VAL A 219 -16.53 -15.75 6.09
C VAL A 219 -17.15 -14.51 5.50
N VAL A 220 -17.75 -13.71 6.38
CA VAL A 220 -18.36 -12.47 5.97
C VAL A 220 -17.58 -11.38 6.67
N LEU A 221 -17.05 -10.44 5.89
CA LEU A 221 -16.26 -9.35 6.42
C LEU A 221 -16.98 -8.02 6.43
N SER A 222 -17.93 -7.85 5.52
CA SER A 222 -18.57 -6.56 5.26
C SER A 222 -19.62 -6.09 6.24
N HIS A 223 -20.38 -7.04 6.75
CA HIS A 223 -21.52 -6.71 7.59
C HIS A 223 -21.73 -7.75 8.66
N ILE A 224 -22.64 -7.42 9.58
CA ILE A 224 -23.00 -8.31 10.65
C ILE A 224 -24.50 -8.35 10.74
N GLY A 225 -25.01 -9.12 11.69
CA GLY A 225 -26.44 -9.16 11.91
C GLY A 225 -26.84 -8.03 12.85
N LYS A 226 -28.04 -7.50 12.67
CA LYS A 226 -28.52 -6.42 13.52
C LYS A 226 -28.61 -6.87 14.98
N HIS A 227 -28.60 -8.16 15.24
CA HIS A 227 -28.66 -8.64 16.60
C HIS A 227 -27.29 -8.94 17.15
N HIS A 228 -26.27 -8.52 16.43
CA HIS A 228 -24.94 -8.67 16.97
C HIS A 228 -24.86 -7.94 18.31
N TRP A 229 -24.16 -8.51 19.29
CA TRP A 229 -24.11 -7.88 20.61
C TRP A 229 -23.52 -6.46 20.58
N TRP A 230 -22.71 -6.14 19.58
CA TRP A 230 -22.20 -4.79 19.41
C TRP A 230 -23.31 -3.76 19.25
N MSE A 231 -24.39 -4.17 18.60
CA MSE A 231 -25.47 -3.24 18.31
C MSE A 231 -26.16 -2.70 19.56
O MSE A 231 -26.64 -1.58 19.55
CB MSE A 231 -26.50 -3.89 17.38
CG MSE A 231 -25.92 -4.30 16.02
SE MSE A 231 -25.08 -2.84 15.05
CE MSE A 231 -23.31 -3.05 15.68
N LYS A 232 -26.18 -3.47 20.65
CA LYS A 232 -26.79 -3.00 21.89
C LYS A 232 -25.86 -2.03 22.64
N ASP A 233 -24.63 -1.88 22.15
CA ASP A 233 -23.60 -1.11 22.85
C ASP A 233 -22.45 -0.86 21.86
N LEU A 234 -22.68 -0.01 20.88
CA LEU A 234 -21.71 0.22 19.84
C LEU A 234 -20.39 0.71 20.39
N PRO A 235 -19.30 0.00 20.08
CA PRO A 235 -17.97 0.38 20.55
C PRO A 235 -17.67 1.85 20.23
N THR A 236 -18.01 2.31 19.03
CA THR A 236 -17.78 3.70 18.66
C THR A 236 -18.89 4.15 17.75
N PRO A 237 -19.03 5.45 17.61
CA PRO A 237 -20.04 6.05 16.74
C PRO A 237 -19.81 5.69 15.28
N ASP A 238 -18.58 5.33 14.93
CA ASP A 238 -18.29 4.95 13.56
C ASP A 238 -17.82 3.52 13.45
N TRP A 239 -18.43 2.63 14.22
CA TRP A 239 -18.14 1.22 14.15
C TRP A 239 -18.88 0.65 12.94
N ILE A 240 -20.09 1.11 12.74
CA ILE A 240 -20.84 0.68 11.59
C ILE A 240 -21.09 1.91 10.76
N ASN A 241 -21.33 1.73 9.48
CA ASN A 241 -21.69 2.85 8.62
C ASN A 241 -23.19 3.16 8.73
N TYR A 242 -23.57 4.42 8.58
CA TYR A 242 -24.99 4.80 8.54
C TYR A 242 -25.92 4.15 9.56
N GLY A 243 -25.63 4.29 10.85
CA GLY A 243 -26.49 3.71 11.87
C GLY A 243 -27.88 4.35 11.86
N GLY A 244 -27.95 5.67 11.62
CA GLY A 244 -29.20 6.41 11.63
C GLY A 244 -30.19 5.99 10.57
N LYS A 245 -30.47 6.88 9.61
CA LYS A 245 -31.33 6.55 8.49
C LYS A 245 -30.76 5.31 7.78
N PHE A 246 -31.64 4.45 7.29
CA PHE A 246 -31.19 3.26 6.58
C PHE A 246 -30.64 3.68 5.23
N VAL A 247 -29.42 3.26 4.92
CA VAL A 247 -28.80 3.61 3.65
C VAL A 247 -28.47 2.31 2.96
N PRO A 248 -29.32 1.89 2.05
CA PRO A 248 -29.07 0.63 1.37
C PRO A 248 -28.00 0.82 0.33
N THR A 249 -27.22 -0.20 0.06
CA THR A 249 -26.28 -0.11 -1.03
C THR A 249 -27.09 -0.27 -2.31
N GLN A 250 -26.65 0.34 -3.40
CA GLN A 250 -27.32 0.19 -4.70
C GLN A 250 -26.52 -0.77 -5.57
N HIS A 251 -25.48 -1.37 -5.00
CA HIS A 251 -24.71 -2.41 -5.68
C HIS A 251 -23.98 -1.97 -6.97
N HIS A 252 -23.51 -0.74 -7.04
CA HIS A 252 -22.74 -0.33 -8.21
C HIS A 252 -21.31 -0.77 -8.02
N ARG A 253 -21.06 -2.06 -8.22
CA ARG A 253 -19.76 -2.67 -7.94
C ARG A 253 -18.61 -2.12 -8.75
N VAL A 254 -18.88 -1.71 -9.98
CA VAL A 254 -17.82 -1.19 -10.81
C VAL A 254 -17.34 0.19 -10.32
N ALA A 255 -18.12 0.84 -9.45
CA ALA A 255 -17.74 2.18 -8.97
C ALA A 255 -16.43 2.21 -8.23
N VAL A 256 -16.00 1.07 -7.72
CA VAL A 256 -14.71 1.02 -7.05
C VAL A 256 -13.58 0.79 -8.02
N GLN A 257 -13.90 0.52 -9.28
CA GLN A 257 -12.87 0.21 -10.26
C GLN A 257 -13.28 0.76 -11.61
N ASP A 258 -13.55 2.05 -11.65
CA ASP A 258 -14.10 2.67 -12.81
C ASP A 258 -13.54 4.07 -12.92
N PRO A 259 -12.96 4.40 -14.05
CA PRO A 259 -12.36 5.71 -14.25
C PRO A 259 -13.35 6.86 -14.17
N TYR A 260 -14.62 6.64 -14.46
CA TYR A 260 -15.61 7.74 -14.43
C TYR A 260 -16.49 7.73 -13.18
N ALA A 261 -16.09 6.96 -12.16
CA ALA A 261 -16.88 6.77 -10.97
C ALA A 261 -17.08 8.02 -10.16
N ALA A 262 -18.23 8.07 -9.54
CA ALA A 262 -18.54 9.12 -8.62
C ALA A 262 -18.20 8.54 -7.25
N GLN A 263 -17.57 9.36 -6.41
CA GLN A 263 -17.26 8.95 -5.04
C GLN A 263 -18.50 8.42 -4.35
N ALA A 264 -19.62 9.07 -4.58
CA ALA A 264 -20.86 8.67 -3.93
C ALA A 264 -21.20 7.21 -4.21
N ASP A 265 -21.01 6.74 -5.43
CA ASP A 265 -21.34 5.35 -5.77
C ASP A 265 -20.38 4.36 -5.14
N SER A 266 -19.11 4.71 -5.18
CA SER A 266 -18.11 3.86 -4.61
C SER A 266 -18.39 3.71 -3.12
N GLU A 267 -18.57 4.84 -2.46
CA GLU A 267 -18.89 4.81 -1.05
C GLU A 267 -20.19 4.05 -0.80
N ASN A 268 -21.19 4.24 -1.64
CA ASN A 268 -22.43 3.51 -1.46
C ASN A 268 -22.18 2.00 -1.54
N PHE A 269 -21.27 1.61 -2.42
CA PHE A 269 -21.00 0.20 -2.59
C PHE A 269 -20.40 -0.45 -1.38
N THR A 270 -19.41 0.20 -0.78
CA THR A 270 -18.71 -0.40 0.34
C THR A 270 -19.27 -0.03 1.69
N LYS A 271 -20.13 0.97 1.77
CA LYS A 271 -20.68 1.38 3.06
C LYS A 271 -22.18 1.15 3.17
N GLY A 272 -22.86 1.00 2.04
CA GLY A 272 -24.28 0.75 2.01
C GLY A 272 -24.59 -0.61 2.60
N TRP A 273 -25.77 -0.75 3.15
CA TRP A 273 -26.19 -2.00 3.74
C TRP A 273 -26.96 -2.80 2.73
N PHE A 274 -26.92 -4.13 2.86
CA PHE A 274 -27.70 -5.01 2.00
C PHE A 274 -29.15 -4.91 2.37
N VAL A 275 -29.40 -5.03 3.67
CA VAL A 275 -30.74 -4.94 4.19
C VAL A 275 -30.66 -4.32 5.55
N GLU A 276 -31.79 -3.81 6.02
CA GLU A 276 -31.82 -3.16 7.32
C GLU A 276 -31.39 -4.15 8.41
N GLY A 277 -31.45 -5.45 8.11
CA GLY A 277 -31.05 -6.47 9.06
C GLY A 277 -29.56 -6.79 9.11
N MSE A 278 -28.76 -6.09 8.31
CA MSE A 278 -27.33 -6.33 8.28
C MSE A 278 -26.51 -5.04 8.29
O MSE A 278 -26.14 -4.50 7.25
CB MSE A 278 -26.97 -7.16 7.04
CG MSE A 278 -27.51 -8.59 7.05
SE MSE A 278 -27.20 -9.42 5.31
CE MSE A 278 -28.00 -11.16 5.60
N PRO A 279 -26.24 -4.51 9.48
CA PRO A 279 -25.40 -3.32 9.57
C PRO A 279 -24.07 -3.55 8.91
N ASP A 280 -23.63 -2.53 8.18
CA ASP A 280 -22.36 -2.58 7.46
C ASP A 280 -21.21 -2.11 8.34
N LEU A 281 -20.18 -2.91 8.46
CA LEU A 281 -19.03 -2.56 9.27
C LEU A 281 -18.20 -1.48 8.63
N ASN A 282 -17.79 -0.50 9.42
CA ASN A 282 -16.91 0.54 8.94
C ASN A 282 -15.47 0.06 8.99
N GLN A 283 -15.04 -0.58 7.91
CA GLN A 283 -13.72 -1.18 7.86
C GLN A 283 -12.58 -0.17 7.69
N THR A 284 -12.90 1.11 7.51
CA THR A 284 -11.88 2.15 7.50
C THR A 284 -11.54 2.52 8.96
N ASN A 285 -12.34 2.06 9.91
CA ASN A 285 -12.03 2.21 11.31
C ASN A 285 -10.99 1.11 11.61
N PRO A 286 -9.79 1.50 12.03
CA PRO A 286 -8.71 0.55 12.23
C PRO A 286 -9.05 -0.54 13.24
N LEU A 287 -9.84 -0.19 14.23
CA LEU A 287 -10.21 -1.16 15.23
C LEU A 287 -11.06 -2.25 14.61
N VAL A 288 -11.92 -1.87 13.66
CA VAL A 288 -12.77 -2.84 13.01
C VAL A 288 -11.92 -3.75 12.11
N ALA A 289 -11.03 -3.13 11.33
CA ALA A 289 -10.16 -3.87 10.44
C ALA A 289 -9.37 -4.95 11.18
N ASN A 290 -8.73 -4.54 12.26
CA ASN A 290 -7.96 -5.47 13.05
C ASN A 290 -8.77 -6.57 13.65
N TYR A 291 -9.96 -6.20 14.09
CA TYR A 291 -10.85 -7.15 14.65
C TYR A 291 -11.13 -8.26 13.64
N LEU A 292 -11.47 -7.86 12.43
CA LEU A 292 -11.84 -8.84 11.40
C LEU A 292 -10.66 -9.69 11.00
N ILE A 293 -9.50 -9.04 10.82
CA ILE A 293 -8.34 -9.80 10.40
C ILE A 293 -8.02 -10.84 11.44
N GLN A 294 -7.97 -10.42 12.69
CA GLN A 294 -7.63 -11.35 13.76
C GLN A 294 -8.58 -12.50 13.90
N ASN A 295 -9.85 -12.21 13.73
CA ASN A 295 -10.86 -13.23 13.89
C ASN A 295 -10.73 -14.33 12.85
N ASN A 296 -10.47 -13.94 11.61
CA ASN A 296 -10.35 -14.90 10.53
C ASN A 296 -9.09 -15.74 10.69
N ILE A 297 -8.02 -15.12 11.20
CA ILE A 297 -6.79 -15.87 11.45
C ILE A 297 -7.06 -16.85 12.55
N TRP A 298 -7.73 -16.36 13.58
CA TRP A 298 -8.07 -17.18 14.73
C TRP A 298 -8.79 -18.44 14.28
N TRP A 299 -9.81 -18.29 13.44
CA TRP A 299 -10.55 -19.46 12.95
C TRP A 299 -9.67 -20.44 12.16
N ILE A 300 -8.83 -19.92 11.28
CA ILE A 300 -7.95 -20.78 10.51
C ILE A 300 -7.06 -21.63 11.41
N GLU A 301 -6.39 -20.95 12.34
CA GLU A 301 -5.47 -21.59 13.26
C GLU A 301 -6.20 -22.52 14.23
N TYR A 302 -7.31 -22.05 14.77
CA TYR A 302 -8.05 -22.82 15.72
C TYR A 302 -8.65 -24.06 15.13
N ALA A 303 -9.28 -23.93 13.97
CA ALA A 303 -9.99 -25.04 13.38
C ALA A 303 -9.21 -25.79 12.30
N GLY A 304 -7.95 -25.43 12.08
CA GLY A 304 -7.14 -26.16 11.12
C GLY A 304 -7.73 -26.13 9.72
N LEU A 305 -8.15 -24.95 9.30
CA LEU A 305 -8.77 -24.78 8.01
C LEU A 305 -7.76 -24.85 6.88
N SER A 306 -8.25 -25.23 5.71
CA SER A 306 -7.44 -25.30 4.53
C SER A 306 -7.71 -24.10 3.63
N GLY A 307 -8.59 -23.21 4.05
CA GLY A 307 -8.90 -22.07 3.22
C GLY A 307 -10.16 -21.33 3.64
N LEU A 308 -10.37 -20.21 2.98
CA LEU A 308 -11.51 -19.36 3.24
C LEU A 308 -12.23 -19.08 1.95
N ARG A 309 -13.53 -18.89 2.07
CA ARG A 309 -14.33 -18.36 0.99
C ARG A 309 -14.87 -17.05 1.59
N ILE A 310 -14.59 -15.94 0.93
CA ILE A 310 -14.95 -14.63 1.44
C ILE A 310 -16.16 -14.13 0.68
N ASP A 311 -17.28 -14.05 1.40
CA ASP A 311 -18.54 -13.63 0.85
C ASP A 311 -18.53 -12.14 0.43
N THR A 312 -19.39 -11.78 -0.50
CA THR A 312 -19.58 -10.41 -0.95
C THR A 312 -18.29 -9.62 -0.91
N TYR A 313 -17.28 -10.14 -1.62
CA TYR A 313 -15.93 -9.64 -1.54
C TYR A 313 -15.76 -8.13 -1.60
N GLY A 314 -16.19 -7.56 -2.72
CA GLY A 314 -16.02 -6.16 -3.01
C GLY A 314 -16.84 -5.19 -2.21
N TYR A 315 -17.74 -5.70 -1.38
CA TYR A 315 -18.54 -4.83 -0.57
C TYR A 315 -17.76 -4.35 0.64
N SER A 316 -16.55 -4.88 0.83
CA SER A 316 -15.72 -4.41 1.91
C SER A 316 -14.85 -3.27 1.39
N ASP A 317 -14.41 -2.41 2.27
CA ASP A 317 -13.54 -1.33 1.86
C ASP A 317 -12.29 -1.88 1.17
N GLY A 318 -11.94 -1.25 0.05
CA GLY A 318 -10.84 -1.73 -0.77
C GLY A 318 -9.49 -1.80 -0.07
N ALA A 319 -9.18 -0.76 0.69
CA ALA A 319 -7.92 -0.69 1.40
C ALA A 319 -7.91 -1.77 2.48
N PHE A 320 -9.05 -1.97 3.12
CA PHE A 320 -9.16 -3.03 4.09
C PHE A 320 -8.89 -4.39 3.45
N LEU A 321 -9.49 -4.65 2.30
CA LEU A 321 -9.27 -5.94 1.62
C LEU A 321 -7.83 -6.17 1.30
N THR A 322 -7.15 -5.10 0.89
CA THR A 322 -5.71 -5.21 0.62
C THR A 322 -4.95 -5.65 1.87
N GLU A 323 -5.19 -4.98 2.97
CA GLU A 323 -4.54 -5.33 4.23
C GLU A 323 -4.97 -6.69 4.74
N TYR A 324 -6.25 -6.99 4.66
CA TYR A 324 -6.73 -8.29 5.11
C TYR A 324 -6.09 -9.44 4.35
N THR A 325 -6.12 -9.40 3.03
CA THR A 325 -5.54 -10.48 2.27
C THR A 325 -4.04 -10.53 2.55
N ARG A 326 -3.40 -9.38 2.65
CA ARG A 326 -1.99 -9.38 2.96
C ARG A 326 -1.69 -10.07 4.28
N ARG A 327 -2.43 -9.71 5.32
CA ARG A 327 -2.25 -10.32 6.65
C ARG A 327 -2.45 -11.82 6.64
N LEU A 328 -3.52 -12.27 5.99
CA LEU A 328 -3.82 -13.69 5.97
C LEU A 328 -2.77 -14.46 5.23
N MSE A 329 -2.39 -13.95 4.07
CA MSE A 329 -1.46 -14.67 3.24
C MSE A 329 -0.07 -14.65 3.88
O MSE A 329 0.73 -15.55 3.65
CB MSE A 329 -1.44 -14.12 1.81
CG MSE A 329 -2.76 -14.35 1.09
SE MSE A 329 -3.41 -16.19 1.22
CE MSE A 329 -1.96 -17.05 0.48
N ALA A 330 0.22 -13.64 4.71
CA ALA A 330 1.50 -13.61 5.42
C ALA A 330 1.54 -14.70 6.48
N GLU A 331 0.39 -15.02 7.08
CA GLU A 331 0.37 -16.07 8.07
C GLU A 331 0.43 -17.42 7.39
N TYR A 332 -0.28 -17.54 6.27
CA TYR A 332 -0.42 -18.81 5.59
C TYR A 332 -0.13 -18.66 4.10
N PRO A 333 1.14 -18.61 3.73
CA PRO A 333 1.52 -18.35 2.33
C PRO A 333 1.04 -19.39 1.33
N ARG A 334 0.65 -20.57 1.76
CA ARG A 334 0.15 -21.54 0.81
C ARG A 334 -1.33 -21.73 0.94
N LEU A 335 -1.96 -20.84 1.69
CA LEU A 335 -3.38 -20.89 1.88
C LEU A 335 -4.04 -20.49 0.58
N ASN A 336 -5.28 -20.90 0.42
CA ASN A 336 -6.04 -20.43 -0.71
C ASN A 336 -7.25 -19.79 -0.09
N MSE A 337 -7.68 -18.73 -0.72
CA MSE A 337 -8.86 -18.02 -0.27
C MSE A 337 -9.55 -17.64 -1.54
O MSE A 337 -8.91 -17.15 -2.45
CB MSE A 337 -8.47 -16.77 0.49
CG MSE A 337 -7.67 -17.07 1.73
SE MSE A 337 -7.53 -15.42 2.75
CE MSE A 337 -6.59 -14.38 1.48
N VAL A 338 -10.86 -17.80 -1.56
CA VAL A 338 -11.62 -17.48 -2.75
C VAL A 338 -12.62 -16.37 -2.44
N GLY A 339 -12.56 -15.29 -3.20
CA GLY A 339 -13.48 -14.20 -2.98
C GLY A 339 -14.71 -14.37 -3.86
N GLU A 340 -15.87 -14.03 -3.34
CA GLU A 340 -17.09 -14.01 -4.12
C GLU A 340 -17.32 -12.59 -4.63
N GLU A 341 -16.96 -12.35 -5.88
CA GLU A 341 -17.24 -11.07 -6.51
C GLU A 341 -18.31 -11.37 -7.54
N TRP A 342 -19.54 -11.05 -7.20
CA TRP A 342 -20.64 -11.46 -8.05
C TRP A 342 -20.77 -10.60 -9.30
N SER A 343 -20.07 -11.00 -10.36
CA SER A 343 -20.16 -10.32 -11.63
C SER A 343 -19.88 -11.33 -12.69
N THR A 344 -20.60 -11.25 -13.79
CA THR A 344 -20.34 -12.13 -14.90
C THR A 344 -19.38 -11.48 -15.88
N ARG A 345 -18.76 -10.38 -15.47
CA ARG A 345 -17.77 -9.69 -16.30
C ARG A 345 -16.38 -10.01 -15.81
N VAL A 346 -15.58 -10.63 -16.68
CA VAL A 346 -14.25 -11.04 -16.32
C VAL A 346 -13.37 -9.94 -15.76
N PRO A 347 -13.35 -8.78 -16.39
CA PRO A 347 -12.48 -7.72 -15.90
C PRO A 347 -12.84 -7.30 -14.51
N VAL A 348 -14.12 -7.35 -14.19
CA VAL A 348 -14.60 -6.92 -12.91
C VAL A 348 -14.13 -7.87 -11.83
N VAL A 349 -14.16 -9.18 -12.12
CA VAL A 349 -13.69 -10.17 -11.17
C VAL A 349 -12.17 -10.19 -11.09
N ALA A 350 -11.50 -10.13 -12.22
CA ALA A 350 -10.04 -10.25 -12.29
C ALA A 350 -9.30 -9.20 -11.49
N ARG A 351 -9.93 -8.04 -11.38
CA ARG A 351 -9.36 -6.92 -10.66
C ARG A 351 -8.86 -7.31 -9.28
N TRP A 352 -9.58 -8.22 -8.65
CA TRP A 352 -9.32 -8.54 -7.27
C TRP A 352 -8.24 -9.59 -7.02
N GLN A 353 -7.77 -10.27 -8.06
CA GLN A 353 -6.85 -11.37 -7.86
C GLN A 353 -5.43 -10.90 -7.61
N ARG A 354 -4.73 -11.57 -6.70
CA ARG A 354 -3.38 -11.15 -6.41
C ARG A 354 -2.53 -11.18 -7.68
N GLY A 355 -1.66 -10.17 -7.78
CA GLY A 355 -0.78 -10.06 -8.92
C GLY A 355 -1.38 -9.30 -10.07
N LYS A 356 -2.63 -8.88 -9.93
CA LYS A 356 -3.29 -8.17 -11.01
C LYS A 356 -2.75 -6.75 -11.15
N ALA A 357 -2.20 -6.42 -12.30
CA ALA A 357 -1.76 -5.05 -12.57
C ALA A 357 -3.02 -4.26 -12.87
N ASN A 358 -3.45 -3.41 -11.94
CA ASN A 358 -4.67 -2.64 -12.09
C ASN A 358 -4.37 -1.20 -12.51
N PHE A 359 -5.28 -0.62 -13.28
CA PHE A 359 -5.06 0.69 -13.86
C PHE A 359 -4.97 1.76 -12.80
N ASP A 360 -5.61 1.52 -11.67
CA ASP A 360 -5.62 2.49 -10.61
C ASP A 360 -4.62 2.11 -9.51
N GLY A 361 -3.83 1.07 -9.74
CA GLY A 361 -2.80 0.66 -8.78
C GLY A 361 -3.28 -0.23 -7.65
N TYR A 362 -4.54 -0.65 -7.70
CA TYR A 362 -5.08 -1.44 -6.63
C TYR A 362 -4.29 -2.73 -6.55
N THR A 363 -3.89 -3.14 -5.35
CA THR A 363 -3.18 -4.41 -5.21
C THR A 363 -3.88 -5.29 -4.19
N SER A 364 -3.62 -6.58 -4.27
CA SER A 364 -4.36 -7.54 -3.45
C SER A 364 -3.57 -8.83 -3.31
N HIS A 365 -3.87 -9.60 -2.28
CA HIS A 365 -3.25 -10.91 -2.09
C HIS A 365 -4.29 -12.00 -2.19
N LEU A 366 -5.47 -11.67 -2.68
CA LEU A 366 -6.50 -12.70 -2.85
C LEU A 366 -6.10 -13.66 -3.98
N PRO A 367 -5.85 -14.91 -3.67
CA PRO A 367 -5.42 -15.85 -4.69
C PRO A 367 -6.49 -16.40 -5.61
N SER A 368 -7.75 -16.38 -5.20
CA SER A 368 -8.80 -16.95 -6.03
C SER A 368 -10.13 -16.21 -5.90
N LEU A 369 -10.93 -16.32 -6.95
CA LEU A 369 -12.26 -15.78 -6.99
C LEU A 369 -13.17 -16.81 -7.62
N MSE A 370 -14.45 -16.66 -7.38
CA MSE A 370 -15.48 -17.51 -7.96
C MSE A 370 -15.64 -17.10 -9.40
O MSE A 370 -15.80 -15.93 -9.71
CB MSE A 370 -16.81 -17.32 -7.26
CG MSE A 370 -16.84 -17.70 -5.79
SE MSE A 370 -16.61 -19.65 -5.51
CE MSE A 370 -17.16 -20.26 -6.89
N ASP A 371 -15.60 -18.09 -10.29
CA ASP A 371 -15.70 -17.83 -11.70
C ASP A 371 -17.14 -17.69 -12.19
N PHE A 372 -17.82 -16.66 -11.71
CA PHE A 372 -19.16 -16.40 -12.17
C PHE A 372 -19.25 -16.24 -13.69
N PRO A 373 -18.34 -15.52 -14.31
CA PRO A 373 -18.39 -15.35 -15.77
C PRO A 373 -18.47 -16.67 -16.49
N LEU A 374 -17.61 -17.60 -16.12
CA LEU A 374 -17.59 -18.88 -16.80
C LEU A 374 -18.83 -19.68 -16.51
N VAL A 375 -19.28 -19.67 -15.27
CA VAL A 375 -20.46 -20.45 -14.93
C VAL A 375 -21.67 -19.88 -15.66
N ASP A 376 -21.74 -18.55 -15.69
CA ASP A 376 -22.82 -17.88 -16.38
C ASP A 376 -22.81 -18.22 -17.85
N ALA A 377 -21.63 -18.21 -18.45
CA ALA A 377 -21.54 -18.51 -19.87
C ALA A 377 -22.05 -19.92 -20.12
N MSE A 378 -21.59 -20.88 -19.30
CA MSE A 378 -22.01 -22.27 -19.53
C MSE A 378 -23.49 -22.49 -19.30
O MSE A 378 -24.13 -23.24 -20.01
CB MSE A 378 -21.22 -23.24 -18.69
CG MSE A 378 -21.77 -24.67 -18.88
SE MSE A 378 -21.45 -25.38 -20.67
CE MSE A 378 -22.68 -24.92 -21.64
N ARG A 379 -24.04 -21.86 -18.27
CA ARG A 379 -25.47 -22.01 -18.00
C ARG A 379 -26.24 -21.42 -19.15
N ASN A 380 -25.74 -20.31 -19.68
CA ASN A 380 -26.37 -19.69 -20.78
C ASN A 380 -26.34 -20.64 -21.97
N ALA A 381 -25.20 -21.25 -22.22
CA ALA A 381 -25.04 -22.15 -23.35
C ALA A 381 -25.92 -23.39 -23.20
N LEU A 382 -26.14 -23.87 -21.98
CA LEU A 382 -27.00 -25.04 -21.80
C LEU A 382 -28.48 -24.71 -21.85
N SER A 383 -28.84 -23.53 -21.41
CA SER A 383 -30.24 -23.18 -21.29
C SER A 383 -30.82 -22.53 -22.53
N LYS A 384 -29.98 -21.77 -23.24
CA LYS A 384 -30.43 -21.05 -24.42
C LYS A 384 -30.46 -21.98 -25.63
N THR A 385 -31.46 -22.86 -25.61
CA THR A 385 -31.69 -23.85 -26.66
C THR A 385 -31.97 -23.17 -27.99
N GLY A 386 -32.61 -22.00 -27.94
CA GLY A 386 -32.93 -21.24 -29.13
C GLY A 386 -31.69 -20.71 -29.84
N GLU A 387 -30.54 -20.84 -29.18
CA GLU A 387 -29.27 -20.38 -29.73
C GLU A 387 -28.60 -21.52 -30.48
N GLU A 388 -27.95 -21.21 -31.60
CA GLU A 388 -27.32 -22.23 -32.43
C GLU A 388 -25.90 -22.57 -31.99
N ASN A 389 -25.23 -21.61 -31.36
CA ASN A 389 -23.86 -21.84 -30.95
C ASN A 389 -23.58 -21.17 -29.60
N GLY A 390 -24.47 -21.40 -28.64
CA GLY A 390 -24.35 -20.81 -27.32
C GLY A 390 -23.04 -21.13 -26.62
N LEU A 391 -22.45 -22.28 -26.91
CA LEU A 391 -21.15 -22.65 -26.33
C LEU A 391 -20.09 -21.61 -26.67
N ASN A 392 -20.35 -20.80 -27.69
CA ASN A 392 -19.41 -19.77 -28.04
C ASN A 392 -19.08 -18.86 -26.85
N GLU A 393 -20.08 -18.58 -26.03
CA GLU A 393 -19.90 -17.74 -24.85
C GLU A 393 -18.88 -18.32 -23.89
N VAL A 394 -18.89 -19.65 -23.75
CA VAL A 394 -17.99 -20.29 -22.85
C VAL A 394 -16.60 -20.14 -23.40
N TYR A 395 -16.49 -20.47 -24.67
CA TYR A 395 -15.25 -20.31 -25.41
C TYR A 395 -14.70 -18.92 -25.25
N GLU A 396 -15.49 -17.90 -25.55
CA GLU A 396 -14.97 -16.54 -25.48
C GLU A 396 -14.62 -16.14 -24.05
N THR A 397 -15.44 -16.51 -23.09
CA THR A 397 -15.14 -16.17 -21.70
C THR A 397 -13.83 -16.80 -21.29
N LEU A 398 -13.63 -18.07 -21.67
CA LEU A 398 -12.40 -18.76 -21.35
C LEU A 398 -11.21 -18.06 -22.00
N SER A 399 -11.44 -17.51 -23.18
CA SER A 399 -10.40 -16.82 -23.92
C SER A 399 -9.89 -15.60 -23.15
N LEU A 400 -10.71 -15.06 -22.24
CA LEU A 400 -10.33 -13.91 -21.47
C LEU A 400 -9.52 -14.26 -20.22
N ASP A 401 -9.13 -15.53 -20.07
CA ASP A 401 -8.36 -15.95 -18.91
C ASP A 401 -7.10 -15.14 -18.72
N TYR A 402 -6.59 -14.55 -19.80
CA TYR A 402 -5.38 -13.74 -19.73
C TYR A 402 -5.60 -12.51 -18.86
N LEU A 403 -6.85 -12.13 -18.63
CA LEU A 403 -7.13 -10.96 -17.79
C LEU A 403 -6.85 -11.23 -16.31
N TYR A 404 -6.83 -12.51 -15.95
CA TYR A 404 -6.55 -12.92 -14.59
C TYR A 404 -5.07 -13.25 -14.48
N PRO A 405 -4.46 -12.86 -13.38
CA PRO A 405 -3.07 -13.24 -13.14
C PRO A 405 -2.93 -14.76 -12.95
N GLU A 406 -3.92 -15.43 -12.37
CA GLU A 406 -3.85 -16.87 -12.15
C GLU A 406 -5.23 -17.48 -12.39
N PRO A 407 -5.67 -17.49 -13.64
CA PRO A 407 -7.02 -17.96 -13.95
C PRO A 407 -7.26 -19.40 -13.55
N GLN A 408 -6.22 -20.21 -13.56
CA GLN A 408 -6.42 -21.64 -13.28
C GLN A 408 -6.54 -21.93 -11.79
N ASN A 409 -6.44 -20.88 -10.98
CA ASN A 409 -6.68 -20.98 -9.54
C ASN A 409 -8.11 -20.53 -9.20
N LEU A 410 -8.89 -20.13 -10.19
CA LEU A 410 -10.25 -19.72 -9.94
C LEU A 410 -11.11 -20.92 -9.63
N VAL A 411 -12.20 -20.67 -8.91
CA VAL A 411 -13.09 -21.74 -8.54
C VAL A 411 -14.27 -21.75 -9.51
N LEU A 412 -14.44 -22.90 -10.14
CA LEU A 412 -15.53 -23.10 -11.09
C LEU A 412 -16.55 -23.96 -10.37
N PHE A 413 -17.79 -23.54 -10.36
CA PHE A 413 -18.80 -24.30 -9.63
C PHE A 413 -19.94 -24.72 -10.54
N GLY A 414 -20.54 -25.85 -10.20
CA GLY A 414 -21.67 -26.34 -10.94
C GLY A 414 -22.89 -25.54 -10.53
N GLY A 415 -22.84 -25.00 -9.31
CA GLY A 415 -23.92 -24.21 -8.79
C GLY A 415 -23.60 -23.85 -7.35
N ASN A 416 -24.50 -23.12 -6.72
CA ASN A 416 -24.35 -22.85 -5.29
C ASN A 416 -25.69 -22.45 -4.72
N HIS A 417 -25.70 -22.11 -3.45
CA HIS A 417 -26.95 -21.86 -2.74
C HIS A 417 -27.62 -20.55 -3.11
N ASP A 418 -27.02 -19.77 -4.03
CA ASP A 418 -27.57 -18.47 -4.42
C ASP A 418 -28.12 -18.44 -5.84
N MSE A 419 -28.20 -19.56 -6.49
CA MSE A 419 -28.66 -19.59 -7.87
C MSE A 419 -29.34 -20.92 -8.11
O MSE A 419 -29.20 -21.84 -7.35
CB MSE A 419 -27.48 -19.45 -8.83
CG MSE A 419 -26.41 -20.50 -8.65
SE MSE A 419 -25.02 -20.30 -10.07
CE MSE A 419 -24.46 -18.56 -9.63
N ALA A 420 -30.06 -20.99 -9.23
CA ALA A 420 -30.82 -22.17 -9.57
C ALA A 420 -29.97 -23.43 -9.56
N ARG A 421 -30.61 -24.52 -9.17
CA ARG A 421 -30.01 -25.82 -9.20
C ARG A 421 -29.52 -26.14 -10.58
N MSE A 422 -28.33 -26.71 -10.61
CA MSE A 422 -27.64 -27.11 -11.82
C MSE A 422 -28.56 -27.87 -12.78
O MSE A 422 -28.65 -27.55 -13.97
CB MSE A 422 -26.48 -27.98 -11.38
CG MSE A 422 -25.35 -28.07 -12.33
SE MSE A 422 -24.07 -29.37 -11.65
CE MSE A 422 -23.81 -28.95 -10.15
N PHE A 423 -29.25 -28.89 -12.26
CA PHE A 423 -30.12 -29.71 -13.08
C PHE A 423 -31.24 -28.87 -13.71
N SER A 424 -31.77 -27.92 -12.94
CA SER A 424 -32.85 -27.08 -13.43
C SER A 424 -32.28 -26.06 -14.40
N ALA A 425 -31.10 -25.53 -14.11
CA ALA A 425 -30.46 -24.60 -15.01
C ALA A 425 -30.26 -25.32 -16.34
N ALA A 426 -30.01 -26.60 -16.29
CA ALA A 426 -29.82 -27.38 -17.51
C ALA A 426 -31.16 -27.75 -18.14
N GLY A 427 -32.27 -27.25 -17.59
CA GLY A 427 -33.59 -27.57 -18.12
C GLY A 427 -34.04 -28.97 -17.73
N GLU A 428 -33.45 -29.49 -16.66
CA GLU A 428 -33.76 -30.81 -16.18
C GLU A 428 -33.56 -31.84 -17.27
N ASP A 429 -32.43 -31.71 -17.95
CA ASP A 429 -32.05 -32.61 -19.01
C ASP A 429 -30.72 -33.23 -18.59
N PHE A 430 -30.76 -34.53 -18.29
CA PHE A 430 -29.58 -35.26 -17.84
C PHE A 430 -28.36 -35.07 -18.73
N ASP A 431 -28.57 -35.14 -20.03
CA ASP A 431 -27.49 -34.98 -20.99
C ASP A 431 -26.78 -33.64 -20.84
N ARG A 432 -27.56 -32.57 -20.68
CA ARG A 432 -26.94 -31.25 -20.56
C ARG A 432 -26.29 -31.13 -19.19
N TRP A 433 -26.98 -31.67 -18.18
CA TRP A 433 -26.39 -31.69 -16.86
C TRP A 433 -25.02 -32.37 -16.88
N ARG A 434 -24.92 -33.47 -17.63
CA ARG A 434 -23.68 -34.24 -17.72
C ARG A 434 -22.59 -33.44 -18.44
N MSE A 435 -22.99 -32.64 -19.42
CA MSE A 435 -22.09 -31.72 -20.10
C MSE A 435 -21.46 -30.73 -19.12
O MSE A 435 -20.25 -30.48 -19.12
CB MSE A 435 -22.86 -30.92 -21.14
CG MSE A 435 -22.53 -31.23 -22.55
SE MSE A 435 -24.05 -30.90 -23.76
CE MSE A 435 -24.27 -29.12 -23.60
N ASN A 436 -22.31 -30.14 -18.30
CA ASN A 436 -21.88 -29.19 -17.30
C ASN A 436 -20.91 -29.87 -16.33
N LEU A 437 -21.26 -31.08 -15.92
CA LEU A 437 -20.48 -31.84 -15.00
C LEU A 437 -19.07 -32.12 -15.56
N VAL A 438 -18.99 -32.65 -16.76
CA VAL A 438 -17.70 -32.96 -17.36
C VAL A 438 -16.89 -31.68 -17.45
N PHE A 439 -17.56 -30.61 -17.81
CA PHE A 439 -16.92 -29.30 -17.97
C PHE A 439 -16.29 -28.92 -16.65
N LEU A 440 -17.08 -29.00 -15.61
CA LEU A 440 -16.64 -28.74 -14.27
C LEU A 440 -15.42 -29.61 -13.87
N MSE A 441 -15.46 -30.89 -14.22
CA MSE A 441 -14.40 -31.81 -13.81
C MSE A 441 -13.14 -31.76 -14.69
O MSE A 441 -12.11 -32.25 -14.29
CB MSE A 441 -14.92 -33.26 -13.78
CG MSE A 441 -15.96 -33.57 -12.69
SE MSE A 441 -15.36 -33.19 -10.88
CE MSE A 441 -15.85 -31.47 -10.75
N THR A 442 -13.22 -31.14 -15.84
CA THR A 442 -12.07 -31.13 -16.74
C THR A 442 -11.44 -29.78 -17.01
N MSE A 443 -12.09 -28.70 -16.61
CA MSE A 443 -11.53 -27.36 -16.81
C MSE A 443 -10.32 -27.09 -15.92
O MSE A 443 -10.16 -27.70 -14.85
CB MSE A 443 -12.58 -26.30 -16.49
CG MSE A 443 -13.64 -26.09 -17.57
SE MSE A 443 -12.92 -25.09 -19.05
CE MSE A 443 -12.54 -26.51 -20.26
N PRO A 444 -9.46 -26.16 -16.35
CA PRO A 444 -8.31 -25.71 -15.56
C PRO A 444 -8.79 -24.69 -14.52
N ARG A 445 -9.45 -25.25 -13.51
CA ARG A 445 -10.06 -24.52 -12.45
C ARG A 445 -10.10 -25.43 -11.25
N ILE A 446 -10.48 -24.86 -10.12
CA ILE A 446 -10.75 -25.65 -8.95
C ILE A 446 -12.24 -25.89 -8.99
N PRO A 447 -12.69 -27.14 -9.14
CA PRO A 447 -14.11 -27.41 -9.19
C PRO A 447 -14.80 -27.42 -7.84
N GLN A 448 -15.97 -26.84 -7.83
CA GLN A 448 -16.78 -26.79 -6.62
C GLN A 448 -18.12 -27.33 -7.01
N PHE A 449 -18.66 -28.18 -6.16
CA PHE A 449 -19.90 -28.83 -6.44
C PHE A 449 -20.86 -28.53 -5.30
N TYR A 450 -22.10 -28.27 -5.63
CA TYR A 450 -23.11 -27.93 -4.62
C TYR A 450 -23.94 -29.13 -4.22
N SER A 451 -23.89 -29.45 -2.93
CA SER A 451 -24.58 -30.59 -2.37
C SER A 451 -26.00 -30.66 -2.86
N GLY A 452 -26.39 -31.85 -3.32
CA GLY A 452 -27.72 -32.05 -3.84
C GLY A 452 -27.70 -32.16 -5.35
N ASP A 453 -26.68 -31.58 -5.98
CA ASP A 453 -26.61 -31.60 -7.42
C ASP A 453 -26.21 -32.99 -7.89
N GLU A 454 -25.66 -33.80 -6.98
CA GLU A 454 -25.27 -35.14 -7.34
C GLU A 454 -26.49 -36.06 -7.43
N ILE A 455 -27.64 -35.61 -6.94
CA ILE A 455 -28.89 -36.36 -7.12
C ILE A 455 -29.95 -35.52 -7.85
N LEU A 456 -29.49 -34.55 -8.64
CA LEU A 456 -30.35 -33.77 -9.52
C LEU A 456 -31.48 -33.03 -8.82
N MSE A 457 -31.17 -32.44 -7.68
CA MSE A 457 -32.17 -31.65 -7.00
C MSE A 457 -32.61 -30.50 -7.90
O MSE A 457 -31.80 -29.92 -8.60
CB MSE A 457 -31.62 -31.17 -5.67
CG MSE A 457 -31.64 -32.30 -4.64
SE MSE A 457 -30.97 -31.74 -2.92
CE MSE A 457 -32.59 -30.89 -2.30
N THR A 458 -33.90 -30.16 -7.88
CA THR A 458 -34.42 -29.13 -8.77
C THR A 458 -34.84 -27.88 -8.03
N SER A 459 -35.04 -26.80 -8.78
CA SER A 459 -35.44 -25.53 -8.21
C SER A 459 -36.11 -24.75 -9.29
N THR A 460 -36.62 -23.58 -8.94
CA THR A 460 -37.18 -22.71 -9.94
C THR A 460 -35.98 -22.05 -10.60
N VAL A 461 -36.23 -21.39 -11.72
CA VAL A 461 -35.16 -20.77 -12.48
C VAL A 461 -35.41 -19.29 -12.74
N LYS A 462 -36.50 -18.74 -12.25
CA LYS A 462 -36.78 -17.32 -12.43
C LYS A 462 -37.27 -16.71 -11.14
N GLY A 463 -37.24 -15.39 -11.07
CA GLY A 463 -37.71 -14.67 -9.89
C GLY A 463 -36.85 -14.96 -8.67
N ARG A 464 -37.25 -14.44 -7.52
CA ARG A 464 -36.51 -14.72 -6.29
C ARG A 464 -37.10 -15.95 -5.63
N ASP A 465 -36.23 -16.92 -5.34
CA ASP A 465 -36.68 -18.15 -4.73
C ASP A 465 -35.47 -18.90 -4.17
N ASP A 466 -34.72 -18.21 -3.31
CA ASP A 466 -33.53 -18.77 -2.69
C ASP A 466 -33.80 -20.08 -1.96
N ALA A 467 -34.96 -20.13 -1.31
CA ALA A 467 -35.37 -21.30 -0.58
C ALA A 467 -35.36 -22.55 -1.47
N SER A 468 -35.80 -22.39 -2.71
CA SER A 468 -35.87 -23.52 -3.64
C SER A 468 -34.47 -24.05 -3.98
N TYR A 469 -33.43 -23.26 -3.75
CA TYR A 469 -32.08 -23.71 -4.03
C TYR A 469 -31.46 -24.44 -2.85
N ARG A 470 -32.15 -24.43 -1.72
CA ARG A 470 -31.54 -24.91 -0.50
C ARG A 470 -32.32 -25.99 0.22
N ARG A 471 -33.02 -26.81 -0.53
CA ARG A 471 -33.82 -27.87 0.09
C ARG A 471 -32.97 -28.88 0.84
N ASP A 472 -33.56 -29.49 1.85
CA ASP A 472 -32.86 -30.48 2.66
C ASP A 472 -32.32 -31.61 1.81
N PHE A 473 -31.09 -32.03 2.11
CA PHE A 473 -30.48 -33.15 1.40
C PHE A 473 -31.27 -34.40 1.82
N PRO A 474 -31.79 -35.15 0.87
CA PRO A 474 -32.59 -36.33 1.18
C PRO A 474 -31.78 -37.39 1.87
N GLY A 475 -32.16 -37.72 3.11
CA GLY A 475 -31.46 -38.69 3.93
C GLY A 475 -30.80 -37.97 5.10
N GLY A 476 -30.86 -36.64 5.08
CA GLY A 476 -30.27 -35.85 6.13
C GLY A 476 -31.07 -35.89 7.41
N TRP A 477 -32.37 -36.16 7.30
CA TRP A 477 -33.23 -36.18 8.48
C TRP A 477 -33.82 -37.56 8.70
N ALA A 478 -33.94 -37.92 9.96
CA ALA A 478 -34.54 -39.19 10.29
C ALA A 478 -35.93 -39.23 9.66
N GLY A 479 -36.26 -40.36 9.03
CA GLY A 479 -37.57 -40.54 8.44
C GLY A 479 -37.72 -40.04 7.03
N ASP A 480 -36.60 -39.76 6.36
CA ASP A 480 -36.65 -39.29 4.98
C ASP A 480 -37.05 -40.44 4.07
N LYS A 481 -37.91 -40.16 3.10
CA LYS A 481 -38.30 -41.19 2.15
C LYS A 481 -37.08 -41.55 1.32
N ALA A 482 -36.51 -40.54 0.68
CA ALA A 482 -35.36 -40.77 -0.16
C ALA A 482 -34.11 -40.49 0.65
N ASN A 483 -33.16 -41.43 0.59
CA ASN A 483 -31.91 -41.29 1.30
C ASN A 483 -30.76 -41.38 0.31
N ALA A 484 -30.20 -40.24 -0.04
CA ALA A 484 -29.12 -40.19 -1.03
C ALA A 484 -27.85 -40.84 -0.50
N PHE A 485 -27.71 -40.95 0.80
CA PHE A 485 -26.50 -41.55 1.35
C PHE A 485 -26.50 -43.05 1.07
N SER A 486 -27.67 -43.67 1.20
CA SER A 486 -27.78 -45.11 1.02
C SER A 486 -28.27 -45.49 -0.37
N GLY A 487 -28.92 -44.55 -1.05
CA GLY A 487 -29.44 -44.80 -2.37
C GLY A 487 -30.89 -45.20 -2.35
N ALA A 488 -31.45 -45.44 -1.18
CA ALA A 488 -32.83 -45.88 -1.06
C ALA A 488 -33.80 -44.78 -1.47
N GLY A 489 -34.76 -45.12 -2.32
CA GLY A 489 -35.76 -44.16 -2.73
C GLY A 489 -35.28 -43.21 -3.80
N LEU A 490 -34.05 -43.39 -4.23
CA LEU A 490 -33.51 -42.58 -5.30
C LEU A 490 -34.01 -43.14 -6.61
N THR A 491 -34.31 -42.24 -7.53
CA THR A 491 -34.76 -42.61 -8.85
C THR A 491 -33.56 -43.15 -9.64
N SER A 492 -33.80 -43.93 -10.68
CA SER A 492 -32.68 -44.47 -11.47
C SER A 492 -31.84 -43.32 -12.04
N GLN A 493 -32.48 -42.26 -12.53
CA GLN A 493 -31.76 -41.10 -13.06
C GLN A 493 -30.88 -40.45 -11.99
N GLN A 494 -31.41 -40.30 -10.78
CA GLN A 494 -30.67 -39.71 -9.68
C GLN A 494 -29.49 -40.60 -9.31
N ARG A 495 -29.69 -41.90 -9.38
CA ARG A 495 -28.62 -42.84 -9.09
C ARG A 495 -27.54 -42.74 -10.15
N ALA A 496 -27.94 -42.66 -11.41
CA ALA A 496 -27.01 -42.53 -12.51
C ALA A 496 -26.21 -41.24 -12.34
N ALA A 497 -26.86 -40.18 -11.88
CA ALA A 497 -26.20 -38.91 -11.66
C ALA A 497 -25.19 -39.02 -10.53
N GLN A 498 -25.61 -39.66 -9.45
CA GLN A 498 -24.74 -39.83 -8.31
C GLN A 498 -23.53 -40.68 -8.69
N ASP A 499 -23.77 -41.73 -9.47
CA ASP A 499 -22.69 -42.61 -9.89
C ASP A 499 -21.74 -41.85 -10.79
N LEU A 500 -22.30 -41.02 -11.66
CA LEU A 500 -21.45 -40.26 -12.57
C LEU A 500 -20.57 -39.28 -11.79
N VAL A 501 -21.13 -38.62 -10.79
CA VAL A 501 -20.31 -37.71 -10.01
C VAL A 501 -19.21 -38.49 -9.28
N ARG A 502 -19.56 -39.64 -8.73
CA ARG A 502 -18.59 -40.44 -8.00
C ARG A 502 -17.48 -40.87 -8.94
N LYS A 503 -17.86 -41.38 -10.09
CA LYS A 503 -16.91 -41.85 -11.08
C LYS A 503 -15.99 -40.73 -11.53
N LEU A 504 -16.58 -39.61 -11.88
CA LEU A 504 -15.82 -38.47 -12.39
C LEU A 504 -14.93 -37.81 -11.36
N ALA A 505 -15.47 -37.54 -10.20
CA ALA A 505 -14.70 -36.87 -9.19
C ALA A 505 -13.57 -37.79 -8.75
N ASN A 506 -13.87 -39.07 -8.58
CA ASN A 506 -12.81 -39.98 -8.15
C ASN A 506 -11.77 -40.11 -9.23
N TRP A 507 -12.21 -40.12 -10.47
CA TRP A 507 -11.28 -40.22 -11.58
C TRP A 507 -10.40 -38.95 -11.63
N ARG A 508 -11.00 -37.79 -11.45
CA ARG A 508 -10.25 -36.53 -11.48
C ARG A 508 -9.12 -36.42 -10.46
N LYS A 509 -9.31 -36.98 -9.27
CA LYS A 509 -8.27 -36.95 -8.26
C LYS A 509 -7.00 -37.60 -8.76
N ASN A 510 -7.12 -38.48 -9.75
CA ASN A 510 -5.96 -39.16 -10.31
C ASN A 510 -5.53 -38.64 -11.66
N GLN A 511 -5.91 -37.40 -11.99
CA GLN A 511 -5.55 -36.81 -13.28
C GLN A 511 -4.81 -35.53 -13.09
N PRO A 512 -3.53 -35.64 -12.78
CA PRO A 512 -2.69 -34.44 -12.66
C PRO A 512 -2.78 -33.57 -13.93
N VAL A 513 -3.08 -34.18 -15.07
CA VAL A 513 -3.21 -33.41 -16.31
C VAL A 513 -4.37 -32.41 -16.20
N ILE A 514 -5.42 -32.81 -15.52
CA ILE A 514 -6.55 -31.91 -15.32
C ILE A 514 -6.14 -30.84 -14.31
N HIS A 515 -5.45 -31.27 -13.27
CA HIS A 515 -5.04 -30.36 -12.21
C HIS A 515 -4.08 -29.30 -12.67
N ASN A 516 -3.09 -29.70 -13.45
CA ASN A 516 -1.98 -28.85 -13.79
C ASN A 516 -1.72 -28.72 -15.28
N GLY A 517 -2.39 -29.53 -16.08
CA GLY A 517 -2.11 -29.56 -17.50
C GLY A 517 -2.50 -28.29 -18.25
N ARG A 518 -2.11 -28.24 -19.50
CA ARG A 518 -2.47 -27.16 -20.34
C ARG A 518 -3.88 -27.39 -20.86
N LEU A 519 -4.41 -26.36 -21.47
CA LEU A 519 -5.70 -26.40 -22.08
C LEU A 519 -5.59 -25.85 -23.47
N MSE A 520 -6.12 -26.57 -24.42
CA MSE A 520 -6.28 -26.02 -25.74
C MSE A 520 -7.72 -26.24 -26.13
O MSE A 520 -8.21 -27.37 -26.12
CB MSE A 520 -5.35 -26.64 -26.76
CG MSE A 520 -5.61 -26.02 -28.13
SE MSE A 520 -4.39 -26.61 -29.47
CE MSE A 520 -2.68 -26.10 -28.65
N HIS A 521 -8.43 -25.17 -26.44
CA HIS A 521 -9.81 -25.36 -26.87
C HIS A 521 -9.98 -24.88 -28.27
N PHE A 522 -10.99 -25.43 -28.92
CA PHE A 522 -11.28 -25.06 -30.26
C PHE A 522 -12.58 -24.29 -30.25
N GLY A 523 -12.68 -23.32 -31.14
CA GLY A 523 -13.88 -22.53 -31.25
C GLY A 523 -15.03 -23.46 -31.53
N PRO A 524 -16.10 -23.34 -30.76
CA PRO A 524 -17.25 -24.19 -30.99
C PRO A 524 -17.93 -23.83 -32.29
N GLU A 525 -18.43 -24.85 -32.96
CA GLU A 525 -19.16 -24.67 -34.20
C GLU A 525 -20.46 -25.46 -34.11
N GLU A 526 -21.56 -24.75 -34.33
CA GLU A 526 -22.88 -25.33 -34.28
C GLU A 526 -23.11 -26.04 -32.96
N ASN A 527 -22.78 -25.35 -31.87
CA ASN A 527 -22.96 -25.88 -30.53
C ASN A 527 -22.29 -27.25 -30.31
N THR A 528 -21.18 -27.47 -31.01
CA THR A 528 -20.33 -28.59 -30.71
C THR A 528 -19.05 -27.93 -30.28
N TRP A 529 -18.35 -28.58 -29.36
CA TRP A 529 -17.15 -28.00 -28.81
C TRP A 529 -16.17 -29.09 -28.43
N VAL A 530 -14.92 -28.82 -28.72
CA VAL A 530 -13.83 -29.73 -28.41
C VAL A 530 -12.72 -29.00 -27.69
N TYR A 531 -12.26 -29.57 -26.60
CA TYR A 531 -11.08 -29.03 -25.95
C TYR A 531 -10.25 -30.18 -25.44
N PHE A 532 -8.99 -29.89 -25.15
CA PHE A 532 -8.07 -30.88 -24.67
C PHE A 532 -7.37 -30.35 -23.45
N ARG A 533 -7.11 -31.25 -22.51
CA ARG A 533 -6.22 -30.98 -21.42
C ARG A 533 -5.01 -31.83 -21.75
N TYR A 534 -3.82 -31.28 -21.60
CA TYR A 534 -2.66 -32.06 -21.93
C TYR A 534 -1.39 -31.62 -21.25
N ASN A 535 -0.48 -32.59 -21.23
CA ASN A 535 0.90 -32.44 -20.81
C ASN A 535 1.64 -33.61 -21.48
N LYS A 536 2.90 -33.82 -21.13
CA LYS A 536 3.69 -34.89 -21.74
C LYS A 536 3.26 -36.30 -21.33
N ASP A 537 2.33 -36.45 -20.40
CA ASP A 537 1.97 -37.78 -19.95
C ASP A 537 0.63 -38.21 -20.49
N LYS A 538 -0.24 -37.26 -20.78
CA LYS A 538 -1.57 -37.61 -21.20
C LYS A 538 -2.24 -36.47 -21.91
N ARG A 539 -3.20 -36.85 -22.75
CA ARG A 539 -4.11 -35.91 -23.35
C ARG A 539 -5.51 -36.38 -23.00
N ILE A 540 -6.36 -35.43 -22.64
CA ILE A 540 -7.74 -35.75 -22.44
C ILE A 540 -8.53 -34.85 -23.36
N MSE A 541 -9.29 -35.47 -24.24
CA MSE A 541 -10.10 -34.72 -25.17
C MSE A 541 -11.53 -34.77 -24.69
O MSE A 541 -12.05 -35.84 -24.41
CB MSE A 541 -10.00 -35.34 -26.55
CG MSE A 541 -10.95 -34.75 -27.54
SE MSE A 541 -10.91 -35.73 -29.22
CE MSE A 541 -12.68 -36.54 -29.06
N VAL A 542 -12.14 -33.60 -24.58
CA VAL A 542 -13.54 -33.49 -24.26
C VAL A 542 -14.25 -32.99 -25.49
N ALA A 543 -15.29 -33.70 -25.88
CA ALA A 543 -16.06 -33.29 -27.03
C ALA A 543 -17.50 -33.37 -26.64
N MSE A 544 -18.22 -32.27 -26.82
CA MSE A 544 -19.62 -32.23 -26.52
C MSE A 544 -20.41 -31.72 -27.69
O MSE A 544 -19.97 -30.86 -28.48
CB MSE A 544 -19.90 -31.40 -25.27
CG MSE A 544 -19.61 -29.95 -25.36
SE MSE A 544 -19.52 -29.14 -23.55
CE MSE A 544 -21.03 -28.80 -23.22
N ASN A 545 -21.60 -32.30 -27.82
CA ASN A 545 -22.51 -31.95 -28.88
C ASN A 545 -23.76 -31.45 -28.21
N ASN A 546 -23.85 -30.13 -28.10
CA ASN A 546 -24.99 -29.51 -27.45
C ASN A 546 -26.11 -29.31 -28.45
N ASN A 547 -26.51 -30.39 -29.12
CA ASN A 547 -27.58 -30.39 -30.11
C ASN A 547 -28.37 -31.67 -29.95
N ASP A 548 -29.65 -31.63 -30.27
CA ASP A 548 -30.44 -32.86 -30.21
C ASP A 548 -30.40 -33.55 -31.57
N LYS A 549 -29.20 -33.72 -32.11
CA LYS A 549 -29.02 -34.41 -33.38
C LYS A 549 -27.58 -34.84 -33.39
N PRO A 550 -27.25 -35.90 -34.12
CA PRO A 550 -25.85 -36.33 -34.23
C PRO A 550 -25.06 -35.28 -34.97
N MSE A 551 -23.76 -35.26 -34.72
CA MSE A 551 -22.89 -34.35 -35.40
C MSE A 551 -21.61 -35.11 -35.66
O MSE A 551 -21.24 -36.00 -34.88
CB MSE A 551 -22.59 -33.12 -34.53
CG MSE A 551 -23.80 -32.27 -34.21
SE MSE A 551 -24.63 -31.43 -35.75
CE MSE A 551 -23.55 -29.82 -35.93
N THR A 552 -20.97 -34.77 -36.77
CA THR A 552 -19.69 -35.35 -37.14
C THR A 552 -18.71 -34.22 -37.27
N LEU A 553 -17.57 -34.33 -36.61
CA LEU A 553 -16.52 -33.33 -36.72
C LEU A 553 -15.28 -33.97 -37.32
N PRO A 554 -14.84 -33.48 -38.48
CA PRO A 554 -13.62 -33.99 -39.09
C PRO A 554 -12.48 -33.79 -38.11
N THR A 555 -11.69 -34.83 -37.84
CA THR A 555 -10.65 -34.67 -36.86
C THR A 555 -9.42 -33.96 -37.42
N ALA A 556 -9.42 -33.61 -38.71
CA ALA A 556 -8.26 -32.91 -39.29
C ALA A 556 -8.09 -31.60 -38.53
N ARG A 557 -9.21 -31.01 -38.19
CA ARG A 557 -9.22 -29.73 -37.46
C ARG A 557 -8.42 -29.77 -36.18
N PHE A 558 -8.43 -30.91 -35.50
CA PHE A 558 -7.83 -31.02 -34.19
C PHE A 558 -6.49 -31.71 -34.17
N GLN A 559 -5.88 -31.82 -35.33
CA GLN A 559 -4.64 -32.55 -35.46
C GLN A 559 -3.48 -32.04 -34.61
N GLU A 560 -3.44 -30.73 -34.36
CA GLU A 560 -2.37 -30.20 -33.52
C GLU A 560 -2.43 -30.82 -32.13
N MSE A 561 -3.59 -31.35 -31.77
CA MSE A 561 -3.74 -32.02 -30.47
C MSE A 561 -3.79 -33.53 -30.63
O MSE A 561 -3.24 -34.26 -29.83
CB MSE A 561 -5.02 -31.57 -29.76
CG MSE A 561 -4.90 -30.23 -29.07
SE MSE A 561 -3.65 -30.27 -27.60
CE MSE A 561 -3.87 -32.07 -27.00
N LEU A 562 -4.47 -33.97 -31.69
CA LEU A 562 -4.66 -35.40 -31.97
C LEU A 562 -3.40 -36.09 -32.50
N LYS A 563 -2.59 -35.34 -33.25
CA LYS A 563 -1.36 -35.84 -33.82
C LYS A 563 -1.45 -37.27 -34.37
N GLY A 564 -2.48 -37.53 -35.16
CA GLY A 564 -2.62 -38.82 -35.81
C GLY A 564 -3.13 -39.93 -34.92
N ALA A 565 -3.53 -39.63 -33.69
CA ALA A 565 -4.08 -40.66 -32.82
C ALA A 565 -5.25 -41.29 -33.53
N PRO A 566 -5.22 -42.61 -33.71
CA PRO A 566 -6.30 -43.30 -34.44
C PRO A 566 -7.60 -43.40 -33.65
N SER A 567 -7.47 -43.54 -32.34
CA SER A 567 -8.65 -43.68 -31.51
C SER A 567 -8.25 -43.54 -30.05
N GLY A 568 -9.23 -43.61 -29.18
CA GLY A 568 -8.99 -43.56 -27.76
C GLY A 568 -10.23 -44.03 -27.07
N VAL A 569 -10.11 -44.44 -25.82
CA VAL A 569 -11.29 -44.93 -25.11
C VAL A 569 -12.00 -43.80 -24.39
N ASP A 570 -13.32 -43.74 -24.56
CA ASP A 570 -14.13 -42.74 -23.89
C ASP A 570 -14.36 -43.18 -22.46
N PHE A 571 -13.74 -42.48 -21.53
CA PHE A 571 -13.86 -42.81 -20.12
C PHE A 571 -15.31 -42.92 -19.62
N LEU A 572 -16.24 -42.16 -20.20
CA LEU A 572 -17.61 -42.21 -19.72
C LEU A 572 -18.30 -43.52 -20.08
N SER A 573 -18.20 -43.91 -21.34
CA SER A 573 -18.91 -45.07 -21.84
C SER A 573 -18.01 -46.29 -21.96
N GLY A 574 -16.71 -46.11 -21.84
CA GLY A 574 -15.75 -47.19 -22.01
C GLY A 574 -15.57 -47.59 -23.46
N LYS A 575 -16.44 -47.10 -24.34
CA LYS A 575 -16.33 -47.38 -25.76
C LYS A 575 -15.03 -46.83 -26.34
N THR A 576 -14.55 -47.48 -27.39
CA THR A 576 -13.43 -46.97 -28.13
C THR A 576 -14.00 -46.01 -29.16
N VAL A 577 -13.41 -44.84 -29.30
CA VAL A 577 -13.87 -43.85 -30.28
C VAL A 577 -12.77 -43.62 -31.31
N GLY A 578 -13.15 -43.71 -32.58
CA GLY A 578 -12.20 -43.55 -33.67
C GLY A 578 -11.93 -42.09 -33.93
N LEU A 579 -10.66 -41.74 -34.13
CA LEU A 579 -10.28 -40.35 -34.33
C LEU A 579 -9.48 -40.12 -35.62
N GLY A 580 -9.38 -41.16 -36.45
CA GLY A 580 -8.63 -41.06 -37.68
C GLY A 580 -9.17 -40.00 -38.62
N ARG A 581 -10.46 -40.06 -38.91
CA ARG A 581 -11.04 -39.20 -39.91
C ARG A 581 -12.10 -38.24 -39.38
N GLU A 582 -12.98 -38.76 -38.54
CA GLU A 582 -14.05 -37.93 -38.03
C GLU A 582 -14.53 -38.42 -36.66
N LEU A 583 -15.10 -37.51 -35.90
CA LEU A 583 -15.62 -37.83 -34.60
C LEU A 583 -17.13 -37.78 -34.66
N ARG A 584 -17.76 -38.90 -34.37
CA ARG A 584 -19.21 -39.00 -34.47
C ARG A 584 -19.78 -38.85 -33.07
N LEU A 585 -20.44 -37.73 -32.82
CA LEU A 585 -21.02 -37.49 -31.52
C LEU A 585 -22.51 -37.74 -31.58
N ALA A 586 -23.00 -38.55 -30.66
CA ALA A 586 -24.42 -38.79 -30.54
C ALA A 586 -25.11 -37.50 -30.08
N PRO A 587 -26.43 -37.43 -30.19
CA PRO A 587 -27.17 -36.24 -29.78
C PRO A 587 -27.01 -35.94 -28.30
N LYS A 588 -26.84 -34.68 -27.96
CA LYS A 588 -26.71 -34.27 -26.57
C LYS A 588 -25.66 -35.07 -25.83
N SER A 589 -24.56 -35.37 -26.47
CA SER A 589 -23.56 -36.17 -25.82
C SER A 589 -22.30 -35.40 -25.46
N VAL A 590 -21.48 -36.05 -24.65
CA VAL A 590 -20.20 -35.54 -24.30
C VAL A 590 -19.31 -36.74 -24.18
N VAL A 591 -18.08 -36.60 -24.65
CA VAL A 591 -17.14 -37.69 -24.62
C VAL A 591 -15.87 -37.19 -23.96
N VAL A 592 -15.24 -38.06 -23.19
CA VAL A 592 -13.98 -37.76 -22.53
C VAL A 592 -13.01 -38.85 -22.94
N ILE A 593 -12.14 -38.52 -23.88
CA ILE A 593 -11.24 -39.49 -24.44
C ILE A 593 -9.84 -39.29 -23.90
N GLU A 594 -9.26 -40.37 -23.42
CA GLU A 594 -7.93 -40.34 -22.84
C GLU A 594 -6.95 -40.85 -23.87
N LEU A 595 -5.83 -40.15 -24.03
CA LEU A 595 -4.83 -40.51 -24.99
C LEU A 595 -3.48 -40.39 -24.35
N PRO A 596 -2.47 -41.07 -24.90
CA PRO A 596 -1.10 -40.92 -24.43
C PRO A 596 -0.63 -39.48 -24.64
N GLY A 597 0.45 -39.10 -23.99
CA GLY A 597 0.99 -37.76 -24.11
C GLY A 597 1.55 -37.45 -25.48
N LEU A 598 1.92 -36.19 -25.69
CA LEU A 598 2.46 -35.71 -26.97
C LEU A 598 3.91 -36.19 -27.19
N PRO A 599 4.51 -35.84 -28.33
CA PRO A 599 5.46 -36.68 -29.07
C PRO A 599 6.43 -37.50 -28.23
N GLU A 600 6.92 -36.96 -27.23
N PRO B 3 7.52 21.47 36.06
CA PRO B 3 6.90 22.22 34.92
C PRO B 3 5.38 22.27 35.02
N THR B 4 4.74 22.94 34.06
CA THR B 4 3.29 22.87 33.91
C THR B 4 2.80 21.44 33.70
N ALA B 5 1.58 21.18 34.15
CA ALA B 5 0.96 19.88 34.07
C ALA B 5 0.98 19.32 32.64
N ILE B 6 1.06 20.21 31.65
CA ILE B 6 1.18 19.77 30.27
C ILE B 6 2.42 20.46 29.73
N GLU B 7 3.51 19.71 29.64
CA GLU B 7 4.81 20.23 29.20
C GLU B 7 4.91 20.38 27.70
N HIS B 8 4.18 19.53 26.97
CA HIS B 8 4.18 19.58 25.52
C HIS B 8 2.85 19.12 24.99
N MSE B 9 2.39 19.86 23.98
CA MSE B 9 1.18 19.56 23.24
C MSE B 9 1.59 19.61 21.77
O MSE B 9 1.94 20.68 21.24
CB MSE B 9 0.11 20.59 23.53
CG MSE B 9 -1.09 20.44 22.68
SE MSE B 9 -1.93 18.72 22.88
CE MSE B 9 -2.96 19.04 24.52
N GLU B 10 1.61 18.47 21.11
CA GLU B 10 2.08 18.44 19.74
C GLU B 10 1.17 17.64 18.84
N PRO B 11 0.75 18.24 17.72
CA PRO B 11 1.02 19.65 17.38
C PRO B 11 0.32 20.65 18.30
N PRO B 12 0.95 21.81 18.48
CA PRO B 12 0.45 22.84 19.41
C PRO B 12 -0.90 23.39 19.04
N PHE B 13 -1.18 23.39 17.76
CA PHE B 13 -2.44 23.88 17.23
C PHE B 13 -2.57 23.24 15.87
N TRP B 14 -3.74 23.37 15.27
CA TRP B 14 -3.97 22.75 13.98
C TRP B 14 -4.84 23.69 13.18
N TRP B 15 -5.38 23.23 12.06
CA TRP B 15 -6.22 24.09 11.21
C TRP B 15 -7.53 23.44 10.88
N ALA B 16 -8.53 24.25 10.66
CA ALA B 16 -9.77 23.78 10.12
C ALA B 16 -9.51 23.52 8.63
N GLY B 17 -10.27 22.62 8.02
CA GLY B 17 -10.22 22.42 6.58
C GLY B 17 -9.03 21.69 6.01
N MSE B 18 -8.39 20.82 6.77
CA MSE B 18 -7.29 20.06 6.21
C MSE B 18 -7.88 18.89 5.39
O MSE B 18 -9.07 18.61 5.47
CB MSE B 18 -6.36 19.55 7.32
CG MSE B 18 -5.70 20.67 8.12
SE MSE B 18 -4.47 21.80 7.06
CE MSE B 18 -3.06 20.58 6.93
N GLN B 19 -7.04 18.26 4.58
CA GLN B 19 -7.50 17.17 3.76
C GLN B 19 -7.70 15.94 4.66
N HIS B 20 -6.70 15.60 5.44
CA HIS B 20 -6.83 14.50 6.37
C HIS B 20 -7.51 15.00 7.64
N LYS B 21 -8.67 14.44 7.93
CA LYS B 21 -9.48 14.90 9.04
C LYS B 21 -8.96 14.46 10.41
N GLY B 22 -8.20 13.37 10.44
CA GLY B 22 -7.67 12.88 11.70
C GLY B 22 -6.50 13.72 12.20
N LEU B 23 -6.40 13.82 13.52
CA LEU B 23 -5.32 14.54 14.17
C LEU B 23 -5.01 13.76 15.44
N GLN B 24 -3.76 13.34 15.58
CA GLN B 24 -3.32 12.62 16.76
C GLN B 24 -2.48 13.54 17.61
N LEU B 25 -3.00 14.00 18.73
CA LEU B 25 -2.22 14.86 19.60
C LEU B 25 -1.37 14.04 20.52
N MSE B 26 -0.11 14.42 20.62
CA MSE B 26 0.81 13.76 21.53
C MSE B 26 0.97 14.72 22.69
O MSE B 26 1.52 15.80 22.51
CB MSE B 26 2.15 13.52 20.87
CG MSE B 26 3.14 12.88 21.79
SE MSE B 26 4.72 12.29 20.86
CE MSE B 26 5.76 11.66 22.39
N VAL B 27 0.44 14.35 23.85
CA VAL B 27 0.48 15.19 25.01
C VAL B 27 1.48 14.65 25.99
N HIS B 28 2.31 15.54 26.51
CA HIS B 28 3.33 15.16 27.46
C HIS B 28 3.20 16.00 28.71
N GLY B 29 3.10 15.32 29.85
CA GLY B 29 2.99 15.99 31.13
C GLY B 29 2.98 14.94 32.21
N ARG B 30 3.36 15.29 33.42
CA ARG B 30 3.46 14.29 34.47
C ARG B 30 2.14 13.55 34.67
N ASP B 31 2.16 12.24 34.52
CA ASP B 31 0.97 11.40 34.71
C ASP B 31 -0.22 11.78 33.83
N ILE B 32 0.02 12.48 32.73
CA ILE B 32 -1.06 12.83 31.83
C ILE B 32 -1.66 11.57 31.22
N GLY B 33 -0.84 10.54 31.08
CA GLY B 33 -1.31 9.28 30.53
C GLY B 33 -2.34 8.60 31.39
N ARG B 34 -2.46 9.06 32.64
CA ARG B 34 -3.45 8.51 33.55
C ARG B 34 -4.76 9.30 33.49
N MSE B 35 -4.82 10.28 32.59
CA MSE B 35 -5.97 11.17 32.49
C MSE B 35 -6.94 10.76 31.42
O MSE B 35 -6.57 10.22 30.40
CB MSE B 35 -5.52 12.57 32.13
CG MSE B 35 -4.50 13.18 33.04
SE MSE B 35 -5.34 13.85 34.62
CE MSE B 35 -4.66 15.61 34.51
N GLU B 36 -8.21 11.07 31.65
CA GLU B 36 -9.22 10.89 30.64
C GLU B 36 -9.38 12.26 29.96
N ALA B 37 -9.40 12.26 28.64
CA ALA B 37 -9.50 13.49 27.89
C ALA B 37 -10.92 13.76 27.40
N ALA B 38 -11.26 15.03 27.28
CA ALA B 38 -12.56 15.40 26.74
C ALA B 38 -12.51 16.83 26.22
N LEU B 39 -13.43 17.14 25.34
CA LEU B 39 -13.52 18.45 24.77
C LEU B 39 -14.89 18.56 24.16
N ASP B 40 -15.31 19.79 23.89
CA ASP B 40 -16.61 20.02 23.31
C ASP B 40 -16.54 21.14 22.29
N TYR B 41 -16.61 20.79 21.01
CA TYR B 41 -16.49 21.78 19.95
C TYR B 41 -17.18 21.24 18.72
N PRO B 42 -18.04 22.05 18.11
CA PRO B 42 -18.75 21.59 16.92
C PRO B 42 -17.81 21.15 15.80
N GLY B 43 -18.05 19.97 15.27
CA GLY B 43 -17.26 19.47 14.17
C GLY B 43 -16.00 18.77 14.58
N VAL B 44 -15.69 18.78 15.87
CA VAL B 44 -14.54 18.02 16.32
C VAL B 44 -15.04 16.87 17.16
N ARG B 45 -14.39 15.72 17.05
CA ARG B 45 -14.79 14.55 17.82
C ARG B 45 -13.57 13.86 18.40
N LEU B 46 -13.61 13.61 19.70
CA LEU B 46 -12.56 12.84 20.34
C LEU B 46 -12.85 11.40 19.92
N VAL B 47 -11.95 10.82 19.16
CA VAL B 47 -12.14 9.49 18.63
C VAL B 47 -11.69 8.45 19.63
N SER B 48 -10.52 8.69 20.21
CA SER B 48 -9.96 7.76 21.15
C SER B 48 -8.73 8.37 21.78
N THR B 49 -8.27 7.74 22.83
CA THR B 49 -7.05 8.15 23.47
C THR B 49 -6.25 6.90 23.66
N THR B 50 -4.96 7.01 23.50
CA THR B 50 -4.10 5.85 23.62
C THR B 50 -3.08 6.11 24.70
N ARG B 51 -2.90 5.13 25.56
CA ARG B 51 -1.94 5.21 26.64
C ARG B 51 -0.86 4.16 26.44
N VAL B 52 0.34 4.51 26.90
CA VAL B 52 1.49 3.62 26.82
C VAL B 52 1.95 3.43 28.26
N PRO B 53 2.85 2.48 28.49
CA PRO B 53 3.38 2.24 29.84
C PRO B 53 3.96 3.47 30.52
N ASN B 54 4.54 4.38 29.77
CA ASN B 54 5.01 5.64 30.33
C ASN B 54 3.84 6.59 30.59
N ALA B 55 3.48 6.74 31.85
CA ALA B 55 2.33 7.56 32.24
C ALA B 55 2.45 9.05 31.92
N ASN B 56 3.60 9.48 31.43
CA ASN B 56 3.78 10.90 31.12
C ASN B 56 3.38 11.28 29.71
N TYR B 57 2.81 10.33 28.98
CA TYR B 57 2.34 10.61 27.65
C TYR B 57 0.93 10.13 27.42
N LEU B 58 0.19 10.94 26.69
CA LEU B 58 -1.15 10.60 26.28
C LEU B 58 -1.28 10.95 24.80
N PHE B 59 -1.82 10.03 24.03
CA PHE B 59 -2.06 10.26 22.62
C PHE B 59 -3.57 10.39 22.42
N VAL B 60 -3.98 11.56 21.95
CA VAL B 60 -5.37 11.88 21.80
C VAL B 60 -5.73 12.00 20.32
N ASP B 61 -6.59 11.10 19.86
CA ASP B 61 -7.01 11.11 18.47
C ASP B 61 -8.28 11.90 18.28
N LEU B 62 -8.19 12.92 17.42
CA LEU B 62 -9.32 13.74 17.10
C LEU B 62 -9.70 13.59 15.63
N GLU B 63 -10.97 13.78 15.37
CA GLU B 63 -11.48 13.80 14.03
C GLU B 63 -11.99 15.23 13.85
N ILE B 64 -11.35 15.97 12.95
CA ILE B 64 -11.76 17.32 12.66
C ILE B 64 -12.56 17.27 11.37
N GLY B 65 -13.87 17.36 11.48
CA GLY B 65 -14.73 17.30 10.31
C GLY B 65 -14.70 18.58 9.49
N PRO B 66 -15.13 18.49 8.24
CA PRO B 66 -15.12 19.65 7.35
C PRO B 66 -15.97 20.81 7.85
N GLU B 67 -16.88 20.55 8.77
CA GLU B 67 -17.74 21.61 9.28
C GLU B 67 -17.12 22.34 10.48
N ALA B 68 -16.04 21.79 11.03
CA ALA B 68 -15.33 22.44 12.12
C ALA B 68 -14.82 23.79 11.63
N GLN B 69 -15.12 24.85 12.37
CA GLN B 69 -14.70 26.20 12.02
C GLN B 69 -13.51 26.61 12.87
N PRO B 70 -12.75 27.59 12.40
CA PRO B 70 -11.63 28.05 13.19
C PRO B 70 -12.14 28.59 14.50
N GLY B 71 -11.30 28.52 15.51
CA GLY B 71 -11.65 28.99 16.82
C GLY B 71 -10.84 28.15 17.77
N SER B 72 -11.38 27.89 18.94
CA SER B 72 -10.63 27.09 19.88
C SER B 72 -11.52 26.43 20.89
N PHE B 73 -10.98 25.40 21.50
CA PHE B 73 -11.69 24.60 22.47
C PHE B 73 -10.72 24.04 23.49
N ASP B 74 -11.16 24.02 24.73
CA ASP B 74 -10.35 23.42 25.75
C ASP B 74 -10.36 21.92 25.57
N ILE B 75 -9.22 21.31 25.74
CA ILE B 75 -9.15 19.87 25.88
C ILE B 75 -8.90 19.70 27.36
N VAL B 76 -9.85 19.08 28.06
CA VAL B 76 -9.69 18.95 29.50
C VAL B 76 -9.32 17.54 29.87
N PHE B 77 -8.31 17.44 30.74
CA PHE B 77 -7.80 16.17 31.21
C PHE B 77 -8.18 15.99 32.68
N LYS B 78 -8.94 14.93 32.96
CA LYS B 78 -9.38 14.63 34.32
C LYS B 78 -8.85 13.28 34.75
N GLY B 79 -8.30 13.22 35.95
CA GLY B 79 -7.79 11.96 36.48
C GLY B 79 -7.32 12.11 37.90
N ASP B 80 -7.47 11.04 38.69
CA ASP B 80 -7.02 11.05 40.07
C ASP B 80 -7.32 12.39 40.74
N GLY B 81 -8.57 12.82 40.71
CA GLY B 81 -8.93 14.09 41.29
C GLY B 81 -8.51 15.29 40.46
N ARG B 82 -7.23 15.37 40.11
CA ARG B 82 -6.72 16.54 39.40
C ARG B 82 -7.34 16.76 38.03
N SER B 83 -7.21 17.99 37.55
CA SER B 83 -7.82 18.36 36.29
C SER B 83 -6.93 19.35 35.56
N GLU B 84 -6.61 19.03 34.31
CA GLU B 84 -5.77 19.93 33.51
C GLU B 84 -6.52 20.39 32.27
N ARG B 85 -6.02 21.45 31.67
CA ARG B 85 -6.72 22.04 30.56
C ARG B 85 -5.74 22.59 29.55
N TYR B 86 -6.08 22.47 28.27
CA TYR B 86 -5.25 23.02 27.21
C TYR B 86 -6.17 23.64 26.18
N ARG B 87 -5.93 24.93 25.89
CA ARG B 87 -6.71 25.66 24.90
C ARG B 87 -6.21 25.25 23.51
N TYR B 88 -6.99 24.45 22.79
CA TYR B 88 -6.53 23.98 21.49
C TYR B 88 -7.14 24.81 20.37
N ARG B 89 -6.28 25.44 19.59
CA ARG B 89 -6.74 26.32 18.51
C ARG B 89 -6.84 25.59 17.19
N LEU B 90 -7.88 25.92 16.46
CA LEU B 90 -8.02 25.50 15.09
C LEU B 90 -7.92 26.79 14.32
N LEU B 91 -6.90 26.91 13.49
CA LEU B 91 -6.70 28.14 12.73
C LEU B 91 -7.39 28.10 11.39
N ALA B 92 -7.62 29.28 10.83
CA ALA B 92 -8.17 29.39 9.50
C ALA B 92 -7.00 29.23 8.54
N ARG B 93 -7.21 28.53 7.44
CA ARG B 93 -6.16 28.32 6.48
C ARG B 93 -6.08 29.48 5.52
N GLU B 94 -4.87 29.74 5.05
CA GLU B 94 -4.65 30.77 4.04
C GLU B 94 -5.50 30.39 2.82
N GLN B 95 -6.00 31.39 2.13
CA GLN B 95 -6.75 31.12 0.91
C GLN B 95 -5.77 30.45 -0.06
N GLY B 96 -6.21 29.41 -0.75
CA GLY B 96 -5.35 28.72 -1.70
C GLY B 96 -4.25 27.88 -1.05
N SER B 97 -4.33 27.72 0.27
CA SER B 97 -3.27 27.00 0.97
C SER B 97 -3.03 25.59 0.46
N ALA B 98 -4.10 24.82 0.29
CA ALA B 98 -3.91 23.44 -0.10
C ALA B 98 -3.34 23.33 -1.51
N GLN B 99 -3.68 24.27 -2.39
CA GLN B 99 -3.23 24.20 -3.77
C GLN B 99 -1.94 24.98 -4.01
N ARG B 100 -1.26 25.39 -2.95
CA ARG B 100 -0.02 26.13 -3.09
C ARG B 100 0.92 25.47 -4.10
N GLN B 101 1.50 26.26 -4.98
CA GLN B 101 2.39 25.68 -5.99
C GLN B 101 3.78 25.45 -5.40
N GLY B 102 4.27 24.24 -5.58
CA GLY B 102 5.57 23.88 -5.09
C GLY B 102 6.63 24.30 -6.08
N PHE B 103 7.88 24.29 -5.64
CA PHE B 103 8.95 24.70 -6.52
C PHE B 103 8.98 23.74 -7.71
N GLY B 104 9.25 24.27 -8.89
CA GLY B 104 9.24 23.45 -10.08
C GLY B 104 10.41 23.84 -10.96
N PRO B 105 10.44 23.28 -12.16
CA PRO B 105 11.49 23.52 -13.15
C PRO B 105 11.72 25.00 -13.48
N GLY B 106 10.74 25.86 -13.24
CA GLY B 106 10.92 27.27 -13.51
C GLY B 106 11.72 27.96 -12.41
N ASP B 107 11.83 27.29 -11.26
CA ASP B 107 12.55 27.87 -10.13
C ASP B 107 14.03 27.56 -10.15
N ALA B 108 14.77 28.35 -9.37
CA ALA B 108 16.18 28.12 -9.15
C ALA B 108 16.34 28.23 -7.64
N ILE B 109 16.94 27.22 -7.04
CA ILE B 109 17.05 27.17 -5.60
C ILE B 109 18.40 27.64 -5.09
N TYR B 110 18.35 28.51 -4.07
CA TYR B 110 19.56 29.01 -3.42
C TYR B 110 19.61 28.37 -2.05
N GLN B 111 20.61 27.54 -1.81
CA GLN B 111 20.76 26.85 -0.56
C GLN B 111 21.73 27.58 0.37
N ILE B 112 21.34 27.70 1.64
CA ILE B 112 22.19 28.28 2.64
C ILE B 112 22.19 27.46 3.91
N MSE B 113 23.26 27.57 4.67
CA MSE B 113 23.27 27.05 6.01
C MSE B 113 23.06 28.30 6.85
O MSE B 113 23.92 29.19 6.88
CB MSE B 113 24.59 26.40 6.34
CG MSE B 113 24.90 25.17 5.53
SE MSE B 113 26.10 24.03 6.59
CE MSE B 113 25.48 24.52 8.30
N PRO B 114 21.92 28.37 7.53
CA PRO B 114 21.54 29.56 8.30
C PRO B 114 22.62 30.08 9.22
N ASP B 115 23.32 29.20 9.92
CA ASP B 115 24.36 29.62 10.84
C ASP B 115 25.60 30.15 10.17
N ARG B 116 25.75 29.82 8.90
CA ARG B 116 26.94 30.14 8.16
C ARG B 116 26.73 31.20 7.10
N PHE B 117 25.51 31.73 7.00
CA PHE B 117 25.19 32.68 5.95
C PHE B 117 25.29 34.15 6.37
N ALA B 118 24.38 34.58 7.24
CA ALA B 118 24.37 35.99 7.63
C ALA B 118 23.90 36.18 9.07
N ASN B 119 24.74 36.84 9.86
CA ASN B 119 24.44 37.09 11.26
C ASN B 119 23.77 38.45 11.38
N GLY B 120 22.45 38.46 11.23
CA GLY B 120 21.69 39.71 11.29
C GLY B 120 21.48 40.17 12.71
N ASP B 121 21.70 39.26 13.66
CA ASP B 121 21.54 39.58 15.07
C ASP B 121 22.56 38.83 15.93
N PRO B 122 23.56 39.55 16.41
CA PRO B 122 24.61 38.96 17.24
C PRO B 122 24.13 38.56 18.65
N SER B 123 23.04 39.17 19.12
CA SER B 123 22.55 38.91 20.47
C SER B 123 21.93 37.52 20.62
N ASN B 124 21.61 36.86 19.50
CA ASN B 124 21.09 35.50 19.58
C ASN B 124 22.17 34.46 19.27
N ASP B 125 23.42 34.91 19.11
CA ASP B 125 24.49 33.98 18.82
C ASP B 125 24.57 32.98 19.97
N ASN B 126 24.33 33.47 21.18
CA ASN B 126 24.32 32.64 22.36
C ASN B 126 23.02 32.90 23.07
N VAL B 127 22.43 31.87 23.64
CA VAL B 127 21.16 32.03 24.32
C VAL B 127 21.20 31.25 25.62
N ALA B 128 20.64 31.85 26.66
CA ALA B 128 20.60 31.26 28.00
C ALA B 128 20.40 29.75 28.01
N GLY B 129 19.32 29.29 27.39
CA GLY B 129 19.00 27.87 27.37
C GLY B 129 20.04 26.94 26.76
N MSE B 130 20.34 27.16 25.49
CA MSE B 130 21.19 26.29 24.71
C MSE B 130 22.51 25.93 25.38
O MSE B 130 23.11 26.75 26.09
CB MSE B 130 21.43 26.89 23.33
CG MSE B 130 20.13 27.34 22.62
SE MSE B 130 18.74 25.97 22.50
CE MSE B 130 19.47 24.86 21.19
N ARG B 131 22.95 24.69 25.15
CA ARG B 131 24.19 24.15 25.68
C ARG B 131 25.43 24.74 25.02
N GLU B 132 25.46 24.65 23.69
CA GLU B 132 26.65 25.02 22.97
C GLU B 132 26.82 26.53 22.91
N GLN B 133 27.92 26.99 23.45
CA GLN B 133 28.31 28.36 23.33
C GLN B 133 28.98 28.29 21.99
N ALA B 134 29.11 29.39 21.26
CA ALA B 134 29.80 29.21 20.00
C ALA B 134 30.50 30.43 19.46
N ASP B 135 31.59 30.18 18.74
CA ASP B 135 32.26 31.22 18.02
C ASP B 135 32.72 30.76 16.65
N ARG B 136 32.89 31.74 15.79
CA ARG B 136 33.21 31.52 14.40
C ARG B 136 34.44 30.67 14.18
N ARG B 137 35.48 30.96 14.96
CA ARG B 137 36.77 30.31 14.82
C ARG B 137 36.75 28.80 14.62
N HIS B 138 35.75 28.12 15.16
CA HIS B 138 35.71 26.66 15.07
C HIS B 138 34.93 26.19 13.82
N GLY B 139 35.57 25.35 13.02
CA GLY B 139 34.96 24.82 11.80
C GLY B 139 33.68 24.07 12.06
N GLY B 140 33.48 23.63 13.29
CA GLY B 140 32.28 22.92 13.67
C GLY B 140 31.51 23.68 14.71
N GLY B 141 31.82 24.97 14.84
CA GLY B 141 31.14 25.80 15.82
C GLY B 141 29.95 26.52 15.22
N ARG B 142 29.23 27.24 16.06
CA ARG B 142 28.12 28.05 15.61
C ARG B 142 28.64 29.45 15.38
N HIS B 143 28.62 29.90 14.13
CA HIS B 143 29.18 31.22 13.79
C HIS B 143 28.19 32.35 14.07
N GLY B 144 26.93 32.01 14.29
CA GLY B 144 25.95 33.03 14.66
C GLY B 144 25.02 33.46 13.55
N GLY B 145 25.08 32.80 12.40
CA GLY B 145 24.19 33.12 11.30
C GLY B 145 22.78 32.91 11.82
N ASP B 146 21.84 33.71 11.37
CA ASP B 146 20.48 33.62 11.88
C ASP B 146 19.45 34.06 10.85
N ILE B 147 18.17 33.91 11.19
CA ILE B 147 17.10 34.28 10.28
C ILE B 147 17.10 35.76 9.92
N ARG B 148 17.30 36.62 10.90
CA ARG B 148 17.32 38.04 10.65
C ARG B 148 18.31 38.38 9.53
N GLY B 149 19.47 37.72 9.57
CA GLY B 149 20.53 37.92 8.62
C GLY B 149 20.10 37.50 7.23
N THR B 150 19.42 36.37 7.14
CA THR B 150 18.90 35.87 5.88
C THR B 150 17.89 36.83 5.31
N ILE B 151 16.97 37.29 6.15
CA ILE B 151 15.95 38.21 5.70
C ILE B 151 16.58 39.49 5.16
N ASP B 152 17.68 39.93 5.79
CA ASP B 152 18.40 41.14 5.36
C ASP B 152 19.05 40.97 3.99
N HIS B 153 19.06 39.76 3.46
CA HIS B 153 19.73 39.54 2.20
C HIS B 153 18.88 38.84 1.16
N LEU B 154 17.56 38.81 1.37
CA LEU B 154 16.66 38.22 0.39
C LEU B 154 16.76 38.95 -0.93
N ASP B 155 16.85 40.28 -0.88
CA ASP B 155 16.93 41.07 -2.11
C ASP B 155 18.18 40.73 -2.89
N TYR B 156 19.25 40.39 -2.20
CA TYR B 156 20.46 39.97 -2.87
C TYR B 156 20.21 38.61 -3.54
N ILE B 157 19.57 37.72 -2.80
CA ILE B 157 19.28 36.40 -3.33
C ILE B 157 18.30 36.52 -4.49
N ALA B 158 17.20 37.21 -4.26
CA ALA B 158 16.24 37.42 -5.33
C ALA B 158 16.93 38.13 -6.45
N GLY B 159 17.75 39.12 -6.11
CA GLY B 159 18.49 39.86 -7.10
C GLY B 159 19.31 38.95 -7.99
N LEU B 160 19.95 37.94 -7.41
CA LEU B 160 20.75 37.01 -8.20
C LEU B 160 19.94 36.19 -9.19
N GLY B 161 18.63 36.18 -9.06
CA GLY B 161 17.78 35.42 -9.97
C GLY B 161 17.21 34.14 -9.38
N PHE B 162 17.40 33.92 -8.08
CA PHE B 162 16.87 32.73 -7.40
C PHE B 162 15.45 32.96 -6.92
N THR B 163 14.64 31.91 -6.93
CA THR B 163 13.23 32.06 -6.59
C THR B 163 12.76 31.10 -5.51
N GLN B 164 13.70 30.37 -4.94
CA GLN B 164 13.42 29.48 -3.85
C GLN B 164 14.60 29.56 -2.90
N LEU B 165 14.31 29.54 -1.61
CA LEU B 165 15.33 29.55 -0.58
C LEU B 165 15.28 28.24 0.19
N TRP B 166 16.39 27.51 0.21
CA TRP B 166 16.47 26.26 0.93
C TRP B 166 17.56 26.33 2.02
N PRO B 167 17.17 26.63 3.24
CA PRO B 167 18.10 26.58 4.36
C PRO B 167 18.15 25.20 4.97
N THR B 168 19.32 24.77 5.43
CA THR B 168 19.44 23.51 6.15
C THR B 168 18.60 23.70 7.42
N PRO B 169 18.35 22.63 8.19
CA PRO B 169 17.36 22.67 9.26
C PRO B 169 17.61 23.76 10.29
N LEU B 170 16.55 24.49 10.61
CA LEU B 170 16.61 25.56 11.58
C LEU B 170 15.98 25.11 12.88
N VAL B 171 15.52 23.88 12.91
CA VAL B 171 14.89 23.35 14.10
C VAL B 171 15.91 23.18 15.23
N GLU B 172 15.46 23.49 16.45
CA GLU B 172 16.32 23.36 17.63
C GLU B 172 17.27 22.17 17.58
N ASN B 173 18.57 22.45 17.70
CA ASN B 173 19.60 21.44 17.83
C ASN B 173 20.40 21.80 19.09
N ASP B 174 19.91 21.38 20.25
CA ASP B 174 20.57 21.76 21.50
C ASP B 174 21.66 20.78 21.86
N ALA B 175 22.61 20.57 20.95
CA ALA B 175 23.70 19.64 21.19
C ALA B 175 24.85 20.29 21.95
N ALA B 176 25.66 19.47 22.60
CA ALA B 176 26.82 19.97 23.31
C ALA B 176 27.83 20.44 22.29
N ALA B 177 27.92 19.68 21.20
CA ALA B 177 28.89 19.98 20.15
C ALA B 177 28.23 19.80 18.80
N TYR B 178 28.65 20.62 17.83
CA TYR B 178 28.19 20.53 16.44
C TYR B 178 26.69 20.73 16.30
N SER B 179 26.15 21.71 17.00
CA SER B 179 24.74 21.96 16.89
C SER B 179 24.41 22.80 15.67
N TYR B 180 25.46 23.32 15.03
CA TYR B 180 25.26 24.26 13.94
C TYR B 180 24.58 23.66 12.71
N HIS B 181 24.89 22.40 12.37
CA HIS B 181 24.41 21.83 11.13
C HIS B 181 22.88 21.62 11.08
N GLY B 182 22.23 21.48 12.23
CA GLY B 182 20.78 21.37 12.31
C GLY B 182 20.16 19.98 12.13
N TYR B 183 20.96 18.99 11.78
CA TYR B 183 20.45 17.65 11.47
C TYR B 183 20.15 16.70 12.61
N ALA B 184 20.21 17.21 13.83
CA ALA B 184 19.97 16.42 15.03
C ALA B 184 18.98 17.19 15.87
N ALA B 185 17.73 17.16 15.47
CA ALA B 185 16.72 17.95 16.15
C ALA B 185 16.51 17.49 17.60
N THR B 186 16.26 18.47 18.45
CA THR B 186 15.99 18.21 19.84
C THR B 186 14.62 18.75 20.17
N ASP B 187 13.97 19.37 19.19
CA ASP B 187 12.62 19.86 19.34
C ASP B 187 12.07 20.23 17.98
N HIS B 188 11.23 19.35 17.43
CA HIS B 188 10.69 19.50 16.08
C HIS B 188 9.68 20.63 15.90
N TYR B 189 9.20 21.21 16.97
CA TYR B 189 8.20 22.25 16.82
C TYR B 189 8.75 23.61 17.18
N ARG B 190 10.06 23.73 17.16
CA ARG B 190 10.67 24.98 17.58
C ARG B 190 11.93 25.30 16.79
N ILE B 191 11.97 26.50 16.25
CA ILE B 191 13.16 26.98 15.59
C ILE B 191 14.22 27.11 16.64
N ASP B 192 15.45 26.69 16.36
CA ASP B 192 16.51 26.86 17.32
C ASP B 192 16.55 28.34 17.70
N PRO B 193 16.57 28.64 19.00
CA PRO B 193 16.55 30.03 19.47
C PRO B 193 17.72 30.84 18.93
N ARG B 194 18.78 30.18 18.53
CA ARG B 194 19.96 30.85 17.98
C ARG B 194 19.64 31.49 16.62
N TYR B 195 18.64 30.97 15.92
CA TYR B 195 18.28 31.51 14.61
C TYR B 195 17.16 32.51 14.72
N GLY B 196 16.40 32.43 15.78
CA GLY B 196 15.25 33.29 15.96
C GLY B 196 14.07 32.49 16.48
N SER B 197 12.89 33.06 16.34
CA SER B 197 11.68 32.42 16.83
C SER B 197 10.90 31.77 15.72
N ASN B 198 9.88 31.01 16.10
CA ASN B 198 8.99 30.40 15.14
C ASN B 198 8.39 31.52 14.28
N GLU B 199 8.04 32.63 14.92
CA GLU B 199 7.49 33.77 14.22
C GLU B 199 8.49 34.32 13.21
N ASP B 200 9.76 34.30 13.59
CA ASP B 200 10.80 34.78 12.70
C ASP B 200 10.86 33.91 11.44
N PHE B 201 10.67 32.60 11.60
CA PHE B 201 10.66 31.69 10.46
C PHE B 201 9.51 32.02 9.54
N VAL B 202 8.36 32.29 10.14
CA VAL B 202 7.21 32.67 9.35
C VAL B 202 7.50 33.99 8.62
N ARG B 203 8.15 34.92 9.30
CA ARG B 203 8.51 36.19 8.68
C ARG B 203 9.43 35.96 7.48
N LEU B 204 10.40 35.04 7.64
CA LEU B 204 11.30 34.69 6.57
C LEU B 204 10.54 34.27 5.32
N SER B 205 9.55 33.42 5.50
CA SER B 205 8.72 32.99 4.38
C SER B 205 7.92 34.13 3.76
N THR B 206 7.26 34.93 4.58
CA THR B 206 6.45 36.01 4.02
C THR B 206 7.35 37.09 3.38
N GLU B 207 8.51 37.33 3.96
CA GLU B 207 9.41 38.30 3.36
C GLU B 207 9.96 37.74 2.06
N ALA B 208 10.25 36.45 2.04
CA ALA B 208 10.75 35.82 0.83
C ALA B 208 9.69 35.87 -0.28
N ARG B 209 8.44 35.65 0.10
CA ARG B 209 7.32 35.72 -0.84
C ARG B 209 7.23 37.09 -1.51
N LYS B 210 7.48 38.15 -0.78
CA LYS B 210 7.43 39.50 -1.36
C LYS B 210 8.42 39.66 -2.52
N ARG B 211 9.52 38.92 -2.47
CA ARG B 211 10.50 38.93 -3.54
C ARG B 211 10.16 37.82 -4.53
N GLY B 212 8.96 37.26 -4.42
CA GLY B 212 8.55 36.19 -5.30
C GLY B 212 9.28 34.89 -5.02
N MSE B 213 9.88 34.74 -3.85
CA MSE B 213 10.60 33.51 -3.55
C MSE B 213 9.84 32.59 -2.61
O MSE B 213 9.14 33.04 -1.70
CB MSE B 213 11.93 33.80 -2.90
CG MSE B 213 12.94 34.36 -3.82
SE MSE B 213 14.38 35.01 -2.72
CE MSE B 213 14.95 33.31 -1.94
N GLY B 214 10.02 31.30 -2.81
CA GLY B 214 9.41 30.31 -1.95
C GLY B 214 10.45 29.86 -0.94
N LEU B 215 10.00 29.18 0.10
CA LEU B 215 10.89 28.69 1.15
C LEU B 215 10.72 27.18 1.21
N ILE B 216 11.84 26.47 1.08
CA ILE B 216 11.84 25.02 1.13
C ILE B 216 12.47 24.63 2.45
N GLN B 217 11.73 23.91 3.29
CA GLN B 217 12.29 23.50 4.57
C GLN B 217 12.99 22.17 4.48
N ASP B 218 14.15 22.10 5.10
CA ASP B 218 14.95 20.90 5.13
C ASP B 218 14.48 20.12 6.35
N VAL B 219 14.06 18.88 6.15
CA VAL B 219 13.51 18.09 7.26
C VAL B 219 14.20 16.76 7.41
N VAL B 220 14.37 16.34 8.66
CA VAL B 220 14.97 15.06 8.94
C VAL B 220 13.87 14.21 9.54
N LEU B 221 13.72 13.00 9.02
CA LEU B 221 12.67 12.11 9.48
C LEU B 221 13.21 10.90 10.20
N SER B 222 14.41 10.47 9.85
CA SER B 222 14.91 9.21 10.34
C SER B 222 15.43 9.24 11.76
N HIS B 223 15.89 10.40 12.21
CA HIS B 223 16.59 10.49 13.49
C HIS B 223 16.44 11.82 14.18
N ILE B 224 16.82 11.85 15.44
CA ILE B 224 16.80 13.07 16.22
C ILE B 224 18.16 13.18 16.87
N GLY B 225 18.36 14.21 17.66
CA GLY B 225 19.61 14.37 18.38
C GLY B 225 19.49 13.72 19.74
N LYS B 226 20.63 13.31 20.31
CA LYS B 226 20.65 12.65 21.59
C LYS B 226 20.08 13.52 22.71
N HIS B 227 20.08 14.83 22.53
CA HIS B 227 19.59 15.71 23.58
C HIS B 227 18.13 16.09 23.40
N HIS B 228 17.44 15.34 22.56
CA HIS B 228 16.02 15.58 22.37
C HIS B 228 15.30 15.33 23.69
N TRP B 229 14.35 16.20 24.00
CA TRP B 229 13.62 16.10 25.25
C TRP B 229 13.00 14.69 25.44
N TRP B 230 12.80 13.94 24.36
CA TRP B 230 12.29 12.57 24.45
C TRP B 230 13.23 11.60 25.16
N MSE B 231 14.54 11.78 24.93
CA MSE B 231 15.54 10.87 25.44
C MSE B 231 15.54 10.85 26.97
O MSE B 231 15.90 9.85 27.56
CB MSE B 231 16.94 11.25 24.94
CG MSE B 231 17.06 11.20 23.44
SE MSE B 231 16.49 9.52 22.68
CE MSE B 231 18.04 8.41 23.14
N LYS B 232 15.14 11.96 27.57
CA LYS B 232 15.10 12.06 29.03
C LYS B 232 13.92 11.29 29.60
N ASP B 233 12.97 10.90 28.74
CA ASP B 233 11.74 10.29 29.20
C ASP B 233 11.07 9.67 27.98
N LEU B 234 11.66 8.58 27.50
CA LEU B 234 11.21 7.93 26.28
C LEU B 234 9.73 7.58 26.33
N PRO B 235 8.97 8.01 25.34
CA PRO B 235 7.55 7.70 25.30
C PRO B 235 7.27 6.22 25.37
N THR B 236 8.03 5.41 24.63
CA THR B 236 7.86 3.96 24.67
C THR B 236 9.21 3.34 24.49
N PRO B 237 9.36 2.07 24.83
CA PRO B 237 10.64 1.37 24.71
C PRO B 237 11.01 1.15 23.26
N ASP B 238 10.09 1.44 22.35
CA ASP B 238 10.40 1.28 20.95
C ASP B 238 10.13 2.56 20.19
N TRP B 239 10.39 3.70 20.83
CA TRP B 239 10.23 4.97 20.15
C TRP B 239 11.44 5.15 19.26
N ILE B 240 12.60 4.72 19.78
CA ILE B 240 13.82 4.76 19.00
C ILE B 240 14.27 3.32 18.83
N ASN B 241 15.03 3.06 17.78
CA ASN B 241 15.56 1.73 17.53
C ASN B 241 16.83 1.50 18.33
N TYR B 242 17.12 0.25 18.69
CA TYR B 242 18.36 -0.08 19.38
C TYR B 242 18.72 0.89 20.51
N GLY B 243 17.76 1.10 21.43
CA GLY B 243 17.92 2.04 22.51
C GLY B 243 19.33 2.20 23.04
N GLY B 244 19.77 1.28 23.91
CA GLY B 244 21.06 1.38 24.57
C GLY B 244 22.31 0.99 23.78
N LYS B 245 22.57 -0.30 23.67
CA LYS B 245 23.73 -0.80 22.92
C LYS B 245 23.75 -0.14 21.56
N PHE B 246 24.79 0.65 21.30
CA PHE B 246 24.88 1.40 20.06
C PHE B 246 24.94 0.47 18.85
N VAL B 247 24.03 0.69 17.91
CA VAL B 247 24.00 -0.11 16.70
C VAL B 247 24.07 0.83 15.51
N PRO B 248 25.25 0.97 14.93
CA PRO B 248 25.39 1.88 13.80
C PRO B 248 24.83 1.29 12.53
N THR B 249 24.41 2.16 11.65
CA THR B 249 23.99 1.72 10.34
C THR B 249 25.25 1.51 9.51
N GLN B 250 25.29 0.47 8.70
CA GLN B 250 26.41 0.21 7.82
C GLN B 250 26.08 0.68 6.40
N HIS B 251 25.09 1.57 6.30
CA HIS B 251 24.69 2.21 5.04
C HIS B 251 24.56 1.30 3.80
N HIS B 252 23.97 0.14 3.95
CA HIS B 252 23.75 -0.76 2.82
C HIS B 252 22.44 -0.35 2.16
N ARG B 253 22.52 0.82 1.53
CA ARG B 253 21.42 1.51 0.90
C ARG B 253 20.60 0.62 -0.05
N VAL B 254 21.30 -0.19 -0.82
CA VAL B 254 20.63 -1.00 -1.80
C VAL B 254 19.89 -2.18 -1.18
N ALA B 255 20.13 -2.47 0.10
CA ALA B 255 19.47 -3.59 0.76
C ALA B 255 17.94 -3.48 0.77
N VAL B 256 17.42 -2.27 0.74
CA VAL B 256 15.98 -2.09 0.71
C VAL B 256 15.39 -2.30 -0.68
N GLN B 257 16.23 -2.48 -1.68
CA GLN B 257 15.76 -2.60 -3.04
C GLN B 257 16.67 -3.51 -3.82
N ASP B 258 16.84 -4.72 -3.32
CA ASP B 258 17.77 -5.65 -3.90
C ASP B 258 17.19 -7.04 -3.77
N PRO B 259 17.16 -7.79 -4.85
CA PRO B 259 16.55 -9.12 -4.87
C PRO B 259 17.29 -10.11 -3.97
N TYR B 260 18.59 -9.88 -3.77
CA TYR B 260 19.40 -10.82 -3.02
C TYR B 260 19.62 -10.38 -1.57
N ALA B 261 18.99 -9.27 -1.22
CA ALA B 261 19.17 -8.64 0.08
C ALA B 261 18.90 -9.55 1.26
N ALA B 262 19.63 -9.29 2.31
CA ALA B 262 19.39 -9.97 3.58
C ALA B 262 18.54 -9.01 4.39
N GLN B 263 17.48 -9.52 5.01
CA GLN B 263 16.66 -8.66 5.82
C GLN B 263 17.52 -7.93 6.88
N ALA B 264 18.60 -8.58 7.32
CA ALA B 264 19.50 -7.97 8.29
C ALA B 264 20.12 -6.66 7.76
N ASP B 265 20.43 -6.58 6.48
CA ASP B 265 21.02 -5.35 5.95
C ASP B 265 19.96 -4.26 5.76
N SER B 266 18.79 -4.67 5.33
CA SER B 266 17.71 -3.72 5.14
C SER B 266 17.31 -3.08 6.48
N GLU B 267 17.17 -3.92 7.49
CA GLU B 267 16.85 -3.43 8.84
C GLU B 267 17.95 -2.52 9.35
N ASN B 268 19.19 -2.93 9.12
CA ASN B 268 20.32 -2.17 9.58
C ASN B 268 20.31 -0.82 8.88
N PHE B 269 19.92 -0.82 7.61
CA PHE B 269 19.88 0.44 6.88
C PHE B 269 18.83 1.41 7.44
N THR B 270 17.66 0.91 7.80
CA THR B 270 16.61 1.81 8.25
C THR B 270 16.51 1.98 9.77
N LYS B 271 17.16 1.10 10.53
CA LYS B 271 17.09 1.16 11.98
C LYS B 271 18.39 1.54 12.66
N GLY B 272 19.52 1.27 12.00
CA GLY B 272 20.82 1.64 12.50
C GLY B 272 20.98 3.14 12.65
N TRP B 273 21.84 3.57 13.55
CA TRP B 273 22.04 4.99 13.76
C TRP B 273 23.23 5.42 12.96
N PHE B 274 23.26 6.70 12.60
CA PHE B 274 24.39 7.29 11.89
C PHE B 274 25.55 7.42 12.83
N VAL B 275 25.28 8.07 13.96
CA VAL B 275 26.27 8.27 14.99
C VAL B 275 25.58 8.13 16.34
N GLU B 276 26.34 7.77 17.35
CA GLU B 276 25.80 7.66 18.70
C GLU B 276 25.02 8.92 19.08
N GLY B 277 25.32 10.04 18.45
CA GLY B 277 24.65 11.29 18.76
C GLY B 277 23.29 11.49 18.10
N MSE B 278 22.85 10.54 17.29
CA MSE B 278 21.57 10.70 16.62
C MSE B 278 20.72 9.46 16.75
O MSE B 278 20.79 8.58 15.93
CB MSE B 278 21.79 11.02 15.15
CG MSE B 278 22.30 12.42 14.93
SE MSE B 278 22.90 12.70 13.11
CE MSE B 278 22.91 14.64 13.13
N PRO B 279 19.92 9.36 17.82
CA PRO B 279 19.03 8.23 17.96
C PRO B 279 18.07 8.11 16.78
N ASP B 280 17.96 6.88 16.30
CA ASP B 280 17.14 6.58 15.15
C ASP B 280 15.69 6.34 15.54
N LEU B 281 14.77 7.06 14.90
CA LEU B 281 13.35 6.87 15.19
C LEU B 281 12.81 5.56 14.64
N ASN B 282 11.97 4.92 15.43
CA ASN B 282 11.33 3.70 15.02
C ASN B 282 10.06 4.04 14.29
N GLN B 283 10.21 4.20 12.98
CA GLN B 283 9.11 4.64 12.16
C GLN B 283 8.03 3.59 11.97
N THR B 284 8.31 2.32 12.26
CA THR B 284 7.28 1.29 12.20
C THR B 284 6.35 1.40 13.42
N ASN B 285 6.73 2.25 14.39
CA ASN B 285 5.87 2.58 15.52
C ASN B 285 4.90 3.65 15.01
N PRO B 286 3.62 3.35 14.95
CA PRO B 286 2.64 4.25 14.33
C PRO B 286 2.53 5.60 15.02
N LEU B 287 2.83 5.65 16.31
CA LEU B 287 2.79 6.90 17.03
C LEU B 287 3.89 7.78 16.50
N VAL B 288 5.04 7.18 16.21
CA VAL B 288 6.16 7.91 15.67
C VAL B 288 5.83 8.39 14.25
N ALA B 289 5.30 7.47 13.43
CA ALA B 289 4.93 7.82 12.06
C ALA B 289 3.98 9.01 12.03
N ASN B 290 2.91 8.96 12.81
CA ASN B 290 1.94 10.05 12.86
C ASN B 290 2.56 11.34 13.32
N TYR B 291 3.42 11.23 14.32
CA TYR B 291 4.08 12.39 14.85
C TYR B 291 4.87 13.11 13.78
N LEU B 292 5.70 12.40 13.04
CA LEU B 292 6.50 13.02 12.01
C LEU B 292 5.68 13.64 10.88
N ILE B 293 4.68 12.90 10.40
CA ILE B 293 3.84 13.39 9.32
C ILE B 293 3.13 14.68 9.72
N GLN B 294 2.52 14.67 10.89
CA GLN B 294 1.82 15.85 11.36
C GLN B 294 2.76 17.03 11.57
N ASN B 295 3.96 16.76 12.04
CA ASN B 295 4.88 17.85 12.28
C ASN B 295 5.28 18.51 10.97
N ASN B 296 5.58 17.71 9.95
CA ASN B 296 5.99 18.30 8.67
C ASN B 296 4.84 19.06 8.05
N ILE B 297 3.63 18.51 8.11
CA ILE B 297 2.48 19.24 7.61
C ILE B 297 2.31 20.55 8.39
N TRP B 298 2.53 20.48 9.70
CA TRP B 298 2.40 21.67 10.54
C TRP B 298 3.29 22.81 10.06
N TRP B 299 4.54 22.49 9.78
CA TRP B 299 5.51 23.49 9.32
C TRP B 299 5.11 24.10 8.01
N ILE B 300 4.67 23.25 7.09
CA ILE B 300 4.26 23.71 5.78
C ILE B 300 3.13 24.71 5.87
N GLU B 301 2.15 24.41 6.72
CA GLU B 301 0.98 25.26 6.85
C GLU B 301 1.28 26.50 7.67
N TYR B 302 1.98 26.32 8.78
CA TYR B 302 2.36 27.43 9.63
C TYR B 302 3.30 28.39 8.90
N ALA B 303 4.34 27.86 8.26
CA ALA B 303 5.37 28.68 7.65
C ALA B 303 5.16 29.04 6.18
N GLY B 304 4.03 28.65 5.61
CA GLY B 304 3.74 28.94 4.22
C GLY B 304 4.81 28.40 3.29
N LEU B 305 5.33 27.20 3.57
CA LEU B 305 6.38 26.62 2.75
C LEU B 305 5.92 26.26 1.36
N SER B 306 6.87 26.27 0.43
CA SER B 306 6.54 25.94 -0.93
C SER B 306 7.20 24.61 -1.30
N GLY B 307 7.72 23.92 -0.28
CA GLY B 307 8.37 22.65 -0.51
C GLY B 307 9.17 22.15 0.68
N LEU B 308 9.58 20.89 0.57
CA LEU B 308 10.43 20.25 1.56
C LEU B 308 11.59 19.60 0.85
N ARG B 309 12.70 19.53 1.57
CA ARG B 309 13.88 18.78 1.19
C ARG B 309 13.96 17.71 2.29
N ILE B 310 13.93 16.45 1.93
CA ILE B 310 13.98 15.37 2.92
C ILE B 310 15.35 14.72 2.96
N ASP B 311 16.04 14.95 4.07
CA ASP B 311 17.37 14.44 4.30
C ASP B 311 17.45 12.94 4.45
N THR B 312 18.60 12.38 4.12
CA THR B 312 18.84 10.95 4.30
C THR B 312 17.56 10.15 4.07
N TYR B 313 17.03 10.30 2.85
CA TYR B 313 15.72 9.74 2.50
C TYR B 313 15.48 8.28 2.82
N GLY B 314 16.25 7.39 2.23
CA GLY B 314 16.05 5.96 2.39
C GLY B 314 16.35 5.40 3.76
N TYR B 315 16.89 6.22 4.67
CA TYR B 315 17.22 5.71 5.98
C TYR B 315 15.96 5.61 6.81
N SER B 316 14.86 6.13 6.27
CA SER B 316 13.60 5.99 6.95
C SER B 316 12.97 4.71 6.45
N ASP B 317 12.14 4.13 7.28
CA ASP B 317 11.43 2.92 6.92
C ASP B 317 10.61 3.16 5.66
N GLY B 318 10.71 2.21 4.73
CA GLY B 318 10.07 2.29 3.44
C GLY B 318 8.57 2.47 3.46
N ALA B 319 7.89 1.66 4.27
CA ALA B 319 6.43 1.78 4.39
C ALA B 319 6.11 3.13 4.99
N PHE B 320 6.93 3.58 5.92
CA PHE B 320 6.68 4.88 6.49
C PHE B 320 6.79 5.99 5.44
N LEU B 321 7.80 5.92 4.58
CA LEU B 321 7.96 6.93 3.55
C LEU B 321 6.80 6.92 2.57
N THR B 322 6.28 5.74 2.27
CA THR B 322 5.11 5.64 1.40
C THR B 322 3.95 6.41 2.01
N GLU B 323 3.67 6.15 3.28
CA GLU B 323 2.56 6.80 3.94
C GLU B 323 2.81 8.30 4.09
N TYR B 324 4.03 8.65 4.43
CA TYR B 324 4.38 10.05 4.66
C TYR B 324 4.20 10.85 3.38
N THR B 325 4.78 10.38 2.29
CA THR B 325 4.65 11.11 1.03
C THR B 325 3.18 11.16 0.63
N ARG B 326 2.47 10.05 0.81
CA ARG B 326 1.05 10.05 0.48
C ARG B 326 0.33 11.15 1.26
N ARG B 327 0.55 11.19 2.57
CA ARG B 327 -0.12 12.14 3.41
C ARG B 327 0.22 13.56 3.02
N LEU B 328 1.49 13.83 2.78
CA LEU B 328 1.89 15.18 2.45
C LEU B 328 1.32 15.66 1.11
N MSE B 329 1.38 14.80 0.10
CA MSE B 329 0.87 15.11 -1.22
C MSE B 329 -0.66 15.19 -1.21
O MSE B 329 -1.26 15.97 -1.94
CB MSE B 329 1.39 14.12 -2.22
CG MSE B 329 2.91 14.15 -2.33
SE MSE B 329 3.62 15.97 -2.69
CE MSE B 329 3.72 16.72 -1.18
N ALA B 330 -1.31 14.43 -0.33
CA ALA B 330 -2.76 14.54 -0.23
C ALA B 330 -3.11 15.93 0.30
N GLU B 331 -2.31 16.48 1.20
CA GLU B 331 -2.62 17.82 1.70
C GLU B 331 -2.27 18.88 0.66
N TYR B 332 -1.15 18.70 -0.01
CA TYR B 332 -0.65 19.71 -0.93
C TYR B 332 -0.30 19.06 -2.25
N PRO B 333 -1.30 18.82 -3.09
CA PRO B 333 -1.08 18.09 -4.36
C PRO B 333 -0.14 18.77 -5.34
N ARG B 334 0.13 20.07 -5.21
CA ARG B 334 1.03 20.71 -6.16
C ARG B 334 2.36 21.03 -5.48
N LEU B 335 2.52 20.54 -4.27
CA LEU B 335 3.74 20.73 -3.54
C LEU B 335 4.85 19.94 -4.19
N ASN B 336 6.08 20.37 -4.01
CA ASN B 336 7.22 19.60 -4.46
C ASN B 336 8.02 19.22 -3.23
N MSE B 337 8.59 18.03 -3.26
CA MSE B 337 9.40 17.57 -2.17
C MSE B 337 10.55 16.84 -2.79
O MSE B 337 10.38 16.02 -3.69
CB MSE B 337 8.66 16.62 -1.23
CG MSE B 337 7.39 17.19 -0.65
SE MSE B 337 6.69 15.98 0.73
CE MSE B 337 6.46 14.40 -0.34
N VAL B 338 11.75 17.12 -2.31
CA VAL B 338 12.89 16.48 -2.88
C VAL B 338 13.55 15.63 -1.82
N GLY B 339 13.76 14.37 -2.15
CA GLY B 339 14.39 13.46 -1.21
C GLY B 339 15.86 13.36 -1.50
N GLU B 340 16.67 13.31 -0.44
CA GLU B 340 18.11 13.14 -0.60
C GLU B 340 18.46 11.68 -0.47
N GLU B 341 18.61 11.00 -1.59
CA GLU B 341 19.08 9.63 -1.57
C GLU B 341 20.49 9.70 -2.17
N TRP B 342 21.49 9.58 -1.30
CA TRP B 342 22.88 9.71 -1.67
C TRP B 342 23.42 8.47 -2.38
N SER B 343 23.25 8.45 -3.68
CA SER B 343 23.80 7.40 -4.52
C SER B 343 24.08 8.06 -5.85
N THR B 344 25.16 7.64 -6.48
CA THR B 344 25.50 8.16 -7.79
C THR B 344 24.99 7.17 -8.83
N ARG B 345 24.18 6.22 -8.37
CA ARG B 345 23.56 5.24 -9.25
C ARG B 345 22.09 5.61 -9.52
N VAL B 346 21.78 5.80 -10.78
CA VAL B 346 20.47 6.24 -11.22
C VAL B 346 19.36 5.31 -10.76
N PRO B 347 19.53 4.00 -10.93
CA PRO B 347 18.50 3.05 -10.52
C PRO B 347 18.20 3.12 -9.04
N VAL B 348 19.23 3.35 -8.23
CA VAL B 348 19.06 3.42 -6.79
C VAL B 348 18.24 4.67 -6.43
N VAL B 349 18.54 5.79 -7.07
CA VAL B 349 17.81 7.02 -6.83
C VAL B 349 16.39 6.97 -7.39
N ALA B 350 16.25 6.43 -8.60
CA ALA B 350 14.97 6.40 -9.29
C ALA B 350 13.90 5.60 -8.55
N ARG B 351 14.31 4.60 -7.78
CA ARG B 351 13.40 3.72 -7.07
C ARG B 351 12.39 4.47 -6.24
N TRP B 352 12.80 5.64 -5.76
CA TRP B 352 12.02 6.40 -4.82
C TRP B 352 11.06 7.40 -5.43
N GLN B 353 11.20 7.70 -6.70
CA GLN B 353 10.34 8.73 -7.27
C GLN B 353 8.91 8.23 -7.51
N ARG B 354 7.96 9.10 -7.25
CA ARG B 354 6.60 8.71 -7.43
C ARG B 354 6.33 8.30 -8.86
N GLY B 355 5.53 7.25 -9.02
CA GLY B 355 5.17 6.74 -10.34
C GLY B 355 6.14 5.70 -10.82
N LYS B 356 7.22 5.46 -10.08
CA LYS B 356 8.18 4.48 -10.51
C LYS B 356 7.57 3.10 -10.36
N ALA B 357 7.73 2.29 -11.39
CA ALA B 357 7.25 0.92 -11.33
C ALA B 357 8.42 0.07 -10.84
N ASN B 358 8.39 -0.35 -9.57
CA ASN B 358 9.50 -1.12 -8.98
C ASN B 358 9.30 -2.63 -9.02
N PHE B 359 10.40 -3.37 -9.14
CA PHE B 359 10.35 -4.81 -9.27
C PHE B 359 9.77 -5.46 -8.02
N ASP B 360 9.78 -4.75 -6.90
CA ASP B 360 9.27 -5.30 -5.67
C ASP B 360 7.94 -4.66 -5.25
N GLY B 361 7.31 -3.87 -6.13
CA GLY B 361 6.01 -3.27 -5.82
C GLY B 361 6.08 -2.01 -4.97
N TYR B 362 7.27 -1.56 -4.63
CA TYR B 362 7.39 -0.36 -3.82
C TYR B 362 6.77 0.86 -4.51
N THR B 363 5.95 1.60 -3.78
CA THR B 363 5.33 2.80 -4.31
C THR B 363 5.64 3.97 -3.42
N SER B 364 5.57 5.15 -4.00
CA SER B 364 6.00 6.35 -3.34
C SER B 364 5.29 7.55 -3.95
N HIS B 365 5.09 8.60 -3.17
CA HIS B 365 4.55 9.85 -3.68
C HIS B 365 5.62 10.97 -3.72
N LEU B 366 6.89 10.62 -3.54
CA LEU B 366 7.96 11.60 -3.56
C LEU B 366 8.15 12.15 -4.98
N PRO B 367 7.84 13.41 -5.20
CA PRO B 367 7.92 13.95 -6.55
C PRO B 367 9.34 14.17 -7.05
N SER B 368 10.30 14.31 -6.15
CA SER B 368 11.63 14.65 -6.62
C SER B 368 12.74 14.15 -5.72
N LEU B 369 13.91 14.00 -6.34
CA LEU B 369 15.11 13.55 -5.69
C LEU B 369 16.25 14.41 -6.14
N MSE B 370 17.30 14.34 -5.36
CA MSE B 370 18.53 15.05 -5.59
C MSE B 370 19.27 14.27 -6.66
O MSE B 370 19.45 13.06 -6.51
CB MSE B 370 19.35 15.08 -4.29
CG MSE B 370 20.01 16.42 -3.99
SE MSE B 370 18.72 17.85 -3.85
CE MSE B 370 19.63 19.30 -4.01
N ASP B 371 19.68 14.93 -7.73
CA ASP B 371 20.35 14.22 -8.82
C ASP B 371 21.84 14.00 -8.61
N PHE B 372 22.19 13.16 -7.64
CA PHE B 372 23.60 12.90 -7.36
C PHE B 372 24.36 12.27 -8.52
N PRO B 373 23.76 11.32 -9.22
CA PRO B 373 24.44 10.67 -10.35
C PRO B 373 24.90 11.66 -11.40
N LEU B 374 24.05 12.62 -11.73
CA LEU B 374 24.40 13.60 -12.75
C LEU B 374 25.43 14.60 -12.25
N VAL B 375 25.30 15.02 -11.00
CA VAL B 375 26.26 15.95 -10.43
C VAL B 375 27.59 15.24 -10.38
N ASP B 376 27.60 14.04 -9.82
CA ASP B 376 28.82 13.23 -9.76
C ASP B 376 29.43 13.13 -11.15
N ALA B 377 28.61 12.83 -12.15
CA ALA B 377 29.10 12.69 -13.52
C ALA B 377 29.80 13.94 -14.01
N MSE B 378 29.16 15.09 -13.84
CA MSE B 378 29.72 16.35 -14.33
C MSE B 378 30.99 16.70 -13.55
O MSE B 378 31.94 17.20 -14.13
CB MSE B 378 28.71 17.48 -14.20
CG MSE B 378 29.26 18.85 -14.63
SE MSE B 378 29.95 18.86 -16.47
CE MSE B 378 28.51 19.69 -17.40
N ARG B 379 30.98 16.46 -12.24
CA ARG B 379 32.17 16.72 -11.44
C ARG B 379 33.31 15.86 -11.93
N ASN B 380 33.03 14.59 -12.18
CA ASN B 380 34.06 13.71 -12.73
C ASN B 380 34.57 14.29 -14.04
N ALA B 381 33.66 14.59 -14.95
CA ALA B 381 34.02 15.12 -16.27
C ALA B 381 34.94 16.34 -16.15
N LEU B 382 34.53 17.31 -15.36
CA LEU B 382 35.31 18.52 -15.18
C LEU B 382 36.65 18.27 -14.46
N SER B 383 36.64 17.43 -13.43
CA SER B 383 37.87 17.15 -12.69
C SER B 383 38.79 16.20 -13.42
N LYS B 384 38.28 15.04 -13.86
CA LYS B 384 39.12 14.04 -14.56
C LYS B 384 39.86 14.58 -15.79
N THR B 385 40.78 15.51 -15.56
CA THR B 385 41.59 16.12 -16.62
C THR B 385 42.31 15.09 -17.50
N GLY B 386 42.66 13.94 -16.92
CA GLY B 386 43.35 12.90 -17.66
C GLY B 386 42.53 12.32 -18.79
N GLU B 387 41.23 12.13 -18.54
CA GLU B 387 40.32 11.57 -19.54
C GLU B 387 40.19 12.46 -20.77
N GLU B 388 40.02 11.84 -21.92
CA GLU B 388 39.86 12.58 -23.17
C GLU B 388 38.40 12.86 -23.52
N ASN B 389 37.49 12.12 -22.91
CA ASN B 389 36.07 12.31 -23.18
C ASN B 389 35.26 12.13 -21.90
N GLY B 390 35.72 12.76 -20.82
CA GLY B 390 35.08 12.65 -19.52
C GLY B 390 33.62 13.03 -19.57
N LEU B 391 33.27 13.98 -20.42
CA LEU B 391 31.88 14.40 -20.52
C LEU B 391 30.93 13.26 -20.93
N ASN B 392 31.50 12.16 -21.40
CA ASN B 392 30.67 11.01 -21.79
C ASN B 392 29.88 10.49 -20.60
N GLU B 393 30.49 10.54 -19.43
CA GLU B 393 29.85 10.11 -18.20
C GLU B 393 28.56 10.88 -17.99
N VAL B 394 28.58 12.17 -18.31
CA VAL B 394 27.43 13.02 -18.11
C VAL B 394 26.34 12.64 -19.11
N TYR B 395 26.79 12.41 -20.33
CA TYR B 395 25.93 12.03 -21.45
C TYR B 395 25.23 10.73 -21.14
N GLU B 396 26.01 9.72 -20.77
CA GLU B 396 25.47 8.40 -20.50
C GLU B 396 24.52 8.41 -19.30
N THR B 397 24.88 9.15 -18.26
CA THR B 397 24.04 9.27 -17.09
C THR B 397 22.72 9.93 -17.47
N LEU B 398 22.80 10.99 -18.26
CA LEU B 398 21.58 11.66 -18.73
C LEU B 398 20.70 10.71 -19.51
N SER B 399 21.33 9.83 -20.28
CA SER B 399 20.60 8.92 -21.13
C SER B 399 19.81 7.94 -20.29
N LEU B 400 20.11 7.87 -19.01
CA LEU B 400 19.42 6.97 -18.11
C LEU B 400 18.15 7.60 -17.52
N ASP B 401 17.81 8.79 -18.00
CA ASP B 401 16.65 9.52 -17.50
C ASP B 401 15.36 8.69 -17.57
N TYR B 402 15.28 7.75 -18.51
CA TYR B 402 14.10 6.93 -18.67
C TYR B 402 13.88 6.06 -17.45
N LEU B 403 14.89 5.93 -16.59
CA LEU B 403 14.73 5.12 -15.39
C LEU B 403 13.86 5.86 -14.38
N TYR B 404 13.80 7.19 -14.49
CA TYR B 404 12.97 7.97 -13.62
C TYR B 404 11.62 8.19 -14.24
N PRO B 405 10.57 8.15 -13.46
CA PRO B 405 9.25 8.47 -14.00
C PRO B 405 9.16 9.97 -14.35
N GLU B 406 9.82 10.85 -13.59
CA GLU B 406 9.82 12.29 -13.89
C GLU B 406 11.22 12.86 -13.71
N PRO B 407 12.16 12.51 -14.57
CA PRO B 407 13.55 12.92 -14.34
C PRO B 407 13.74 14.42 -14.39
N GLN B 408 12.87 15.11 -15.12
CA GLN B 408 12.98 16.54 -15.27
C GLN B 408 12.44 17.31 -14.09
N ASN B 409 11.96 16.58 -13.09
CA ASN B 409 11.54 17.20 -11.87
C ASN B 409 12.62 17.00 -10.82
N LEU B 410 13.72 16.35 -11.20
CA LEU B 410 14.83 16.14 -10.29
C LEU B 410 15.58 17.43 -10.05
N VAL B 411 16.22 17.53 -8.91
CA VAL B 411 16.97 18.72 -8.56
C VAL B 411 18.43 18.51 -8.90
N LEU B 412 18.91 19.33 -9.83
CA LEU B 412 20.32 19.31 -10.20
C LEU B 412 20.99 20.40 -9.37
N PHE B 413 22.13 20.12 -8.80
CA PHE B 413 22.78 21.11 -7.98
C PHE B 413 24.25 21.30 -8.33
N GLY B 414 24.75 22.50 -8.13
CA GLY B 414 26.14 22.79 -8.36
C GLY B 414 26.98 22.27 -7.23
N GLY B 415 26.37 22.16 -6.06
CA GLY B 415 27.04 21.68 -4.88
C GLY B 415 26.13 21.80 -3.68
N ASN B 416 26.65 21.43 -2.52
CA ASN B 416 25.92 21.55 -1.28
C ASN B 416 26.90 21.42 -0.13
N HIS B 417 26.40 21.63 1.08
CA HIS B 417 27.21 21.62 2.27
C HIS B 417 27.80 20.25 2.61
N ASP B 418 27.57 19.26 1.76
CA ASP B 418 28.06 17.91 2.02
C ASP B 418 29.13 17.45 1.05
N MSE B 419 29.57 18.35 0.19
CA MSE B 419 30.61 17.98 -0.77
C MSE B 419 31.48 19.16 -1.11
O MSE B 419 31.16 20.29 -0.77
CB MSE B 419 29.98 17.43 -2.05
CG MSE B 419 29.03 18.37 -2.71
SE MSE B 419 28.29 17.61 -4.37
CE MSE B 419 27.58 15.94 -3.66
N ALA B 420 32.59 18.86 -1.79
CA ALA B 420 33.56 19.87 -2.17
C ALA B 420 32.90 21.05 -2.87
N ARG B 421 33.49 22.21 -2.67
CA ARG B 421 33.01 23.41 -3.30
C ARG B 421 33.06 23.29 -4.82
N MSE B 422 31.98 23.77 -5.44
CA MSE B 422 31.84 23.78 -6.88
C MSE B 422 33.14 24.25 -7.54
O MSE B 422 33.76 23.52 -8.32
CB MSE B 422 30.69 24.71 -7.23
CG MSE B 422 30.17 24.57 -8.60
SE MSE B 422 28.69 25.81 -8.91
CE MSE B 422 28.68 25.59 -10.85
N PHE B 423 33.57 25.47 -7.23
CA PHE B 423 34.80 26.01 -7.78
C PHE B 423 36.00 25.08 -7.56
N SER B 424 36.12 24.51 -6.37
CA SER B 424 37.25 23.63 -6.10
C SER B 424 37.07 22.28 -6.80
N ALA B 425 35.84 21.86 -6.94
CA ALA B 425 35.59 20.61 -7.61
C ALA B 425 36.02 20.76 -9.07
N ALA B 426 35.97 22.00 -9.54
CA ALA B 426 36.36 22.30 -10.92
C ALA B 426 37.87 22.49 -11.05
N GLY B 427 38.59 22.45 -9.92
CA GLY B 427 40.03 22.63 -9.92
C GLY B 427 40.36 24.11 -9.86
N GLU B 428 39.47 24.90 -9.28
CA GLU B 428 39.68 26.33 -9.20
C GLU B 428 39.99 26.85 -10.60
N ASP B 429 39.27 26.30 -11.57
CA ASP B 429 39.40 26.70 -12.95
C ASP B 429 38.09 27.40 -13.27
N PHE B 430 38.14 28.72 -13.42
CA PHE B 430 36.95 29.50 -13.68
C PHE B 430 36.19 29.03 -14.90
N ASP B 431 36.91 28.64 -15.94
CA ASP B 431 36.28 28.19 -17.18
C ASP B 431 35.50 26.90 -17.00
N ARG B 432 36.01 25.99 -16.18
CA ARG B 432 35.30 24.75 -15.93
C ARG B 432 34.10 25.04 -15.04
N TRP B 433 34.29 25.90 -14.07
CA TRP B 433 33.20 26.29 -13.20
C TRP B 433 32.09 26.89 -14.05
N ARG B 434 32.51 27.58 -15.11
CA ARG B 434 31.60 28.22 -16.05
C ARG B 434 30.74 27.16 -16.76
N MSE B 435 31.37 26.08 -17.16
CA MSE B 435 30.66 25.01 -17.84
C MSE B 435 29.68 24.33 -16.89
O MSE B 435 28.62 23.88 -17.30
CB MSE B 435 31.63 23.97 -18.36
CG MSE B 435 32.61 24.51 -19.36
SE MSE B 435 33.88 23.13 -19.75
CE MSE B 435 35.54 24.19 -19.63
N ASN B 436 30.04 24.26 -15.61
CA ASN B 436 29.19 23.65 -14.64
C ASN B 436 27.95 24.51 -14.43
N LEU B 437 28.14 25.83 -14.36
CA LEU B 437 27.04 26.75 -14.13
C LEU B 437 26.02 26.72 -15.28
N VAL B 438 26.54 26.76 -16.48
CA VAL B 438 25.70 26.79 -17.66
C VAL B 438 24.87 25.49 -17.73
N PHE B 439 25.52 24.38 -17.43
CA PHE B 439 24.93 23.05 -17.39
C PHE B 439 23.78 23.05 -16.37
N LEU B 440 24.06 23.55 -15.18
CA LEU B 440 23.07 23.67 -14.13
C LEU B 440 21.89 24.56 -14.54
N MSE B 441 22.17 25.61 -15.29
CA MSE B 441 21.12 26.57 -15.68
C MSE B 441 20.37 26.17 -16.94
O MSE B 441 19.39 26.81 -17.28
CB MSE B 441 21.73 27.96 -15.91
CG MSE B 441 22.19 28.69 -14.67
SE MSE B 441 20.85 28.89 -13.29
CE MSE B 441 21.48 27.46 -12.18
N THR B 442 20.82 25.14 -17.66
CA THR B 442 20.14 24.79 -18.91
C THR B 442 19.61 23.37 -18.99
N MSE B 443 20.04 22.50 -18.07
CA MSE B 443 19.56 21.12 -18.02
C MSE B 443 18.07 21.07 -17.71
O MSE B 443 17.53 21.97 -17.06
CB MSE B 443 20.27 20.37 -16.89
CG MSE B 443 21.62 19.82 -17.23
SE MSE B 443 21.51 18.64 -18.74
CE MSE B 443 21.34 17.27 -18.10
N PRO B 444 17.39 20.03 -18.14
CA PRO B 444 15.99 19.84 -17.79
C PRO B 444 15.91 19.27 -16.37
N ARG B 445 16.07 20.18 -15.43
CA ARG B 445 16.11 19.87 -14.03
C ARG B 445 15.74 21.14 -13.30
N ILE B 446 15.51 21.00 -12.00
CA ILE B 446 15.32 22.13 -11.15
C ILE B 446 16.73 22.42 -10.62
N PRO B 447 17.30 23.57 -10.96
CA PRO B 447 18.65 23.87 -10.50
C PRO B 447 18.69 24.34 -9.07
N GLN B 448 19.67 23.85 -8.35
CA GLN B 448 19.90 24.31 -7.00
C GLN B 448 21.35 24.73 -6.91
N PHE B 449 21.55 25.87 -6.25
CA PHE B 449 22.84 26.52 -6.13
C PHE B 449 23.19 26.66 -4.68
N TYR B 450 24.45 26.48 -4.34
CA TYR B 450 24.88 26.54 -2.98
C TYR B 450 25.53 27.88 -2.69
N SER B 451 24.92 28.63 -1.78
CA SER B 451 25.41 29.93 -1.38
C SER B 451 26.91 29.89 -1.20
N GLY B 452 27.59 30.86 -1.78
CA GLY B 452 29.04 30.91 -1.72
C GLY B 452 29.67 30.53 -3.04
N ASP B 453 29.01 29.69 -3.81
CA ASP B 453 29.54 29.30 -5.09
C ASP B 453 29.51 30.45 -6.08
N GLU B 454 28.72 31.48 -5.80
CA GLU B 454 28.61 32.57 -6.74
C GLU B 454 29.79 33.54 -6.61
N ILE B 455 30.68 33.28 -5.66
CA ILE B 455 31.91 34.05 -5.54
C ILE B 455 33.08 33.06 -5.42
N LEU B 456 32.88 31.88 -5.99
CA LEU B 456 33.94 30.88 -6.09
C LEU B 456 34.56 30.50 -4.77
N MSE B 457 33.75 30.41 -3.72
CA MSE B 457 34.28 29.96 -2.45
C MSE B 457 34.93 28.61 -2.66
O MSE B 457 34.51 27.87 -3.55
CB MSE B 457 33.17 29.91 -1.42
CG MSE B 457 32.80 31.30 -0.91
SE MSE B 457 31.51 31.24 0.52
CE MSE B 457 32.36 29.83 1.61
N THR B 458 35.95 28.28 -1.87
CA THR B 458 36.70 27.04 -2.06
C THR B 458 36.75 26.17 -0.82
N SER B 459 37.21 24.94 -1.01
CA SER B 459 37.29 23.98 0.07
C SER B 459 38.30 22.92 -0.28
N THR B 460 38.51 21.98 0.62
CA THR B 460 39.36 20.85 0.27
C THR B 460 38.56 19.99 -0.70
N VAL B 461 39.22 19.08 -1.40
CA VAL B 461 38.56 18.29 -2.42
C VAL B 461 38.65 16.79 -2.15
N LYS B 462 39.69 16.36 -1.46
CA LYS B 462 39.84 14.94 -1.15
C LYS B 462 39.36 14.61 0.26
N GLY B 463 38.53 13.57 0.38
CA GLY B 463 38.06 13.11 1.67
C GLY B 463 36.78 13.74 2.16
N ARG B 464 36.62 13.73 3.47
CA ARG B 464 35.44 14.28 4.14
C ARG B 464 35.53 15.80 4.29
N ASP B 465 35.81 16.28 5.50
CA ASP B 465 35.96 17.71 5.76
C ASP B 465 34.70 18.54 5.46
N ASP B 466 33.66 18.31 6.25
CA ASP B 466 32.42 19.08 6.14
C ASP B 466 32.71 20.57 6.36
N ALA B 467 33.43 20.87 7.42
CA ALA B 467 33.76 22.26 7.77
C ALA B 467 34.25 23.07 6.56
N SER B 468 35.06 22.45 5.72
CA SER B 468 35.63 23.12 4.55
C SER B 468 34.56 23.55 3.55
N TYR B 469 33.41 22.87 3.58
CA TYR B 469 32.34 23.16 2.63
C TYR B 469 31.40 24.23 3.16
N ARG B 470 31.64 24.68 4.39
CA ARG B 470 30.66 25.49 5.06
C ARG B 470 31.17 26.80 5.66
N ARG B 471 32.23 27.33 5.08
CA ARG B 471 32.80 28.57 5.59
C ARG B 471 31.74 29.64 5.53
N ASP B 472 31.90 30.68 6.35
CA ASP B 472 30.95 31.77 6.39
C ASP B 472 30.87 32.52 5.09
N PHE B 473 29.68 32.97 4.74
CA PHE B 473 29.50 33.77 3.55
C PHE B 473 30.11 35.15 3.83
N PRO B 474 31.00 35.62 2.97
CA PRO B 474 31.65 36.93 3.16
C PRO B 474 30.68 38.08 3.03
N GLY B 475 30.48 38.80 4.12
CA GLY B 475 29.53 39.90 4.15
C GLY B 475 28.43 39.62 5.16
N GLY B 476 28.36 38.37 5.60
CA GLY B 476 27.34 37.95 6.56
C GLY B 476 27.61 38.37 8.00
N TRP B 477 28.84 38.80 8.29
CA TRP B 477 29.19 39.24 9.64
C TRP B 477 29.69 40.67 9.67
N ALA B 478 29.33 41.39 10.73
CA ALA B 478 29.76 42.77 10.90
C ALA B 478 31.27 42.86 10.77
N GLY B 479 31.74 43.73 9.88
CA GLY B 479 33.16 43.97 9.72
C GLY B 479 33.95 42.89 9.00
N ASP B 480 33.39 42.34 7.93
CA ASP B 480 34.08 41.35 7.13
C ASP B 480 34.87 42.10 6.08
N LYS B 481 36.09 41.65 5.78
CA LYS B 481 36.92 42.29 4.78
C LYS B 481 36.17 42.22 3.46
N ALA B 482 36.13 41.01 2.90
CA ALA B 482 35.41 40.77 1.67
C ALA B 482 33.92 40.74 2.00
N ASN B 483 33.14 41.46 1.19
CA ASN B 483 31.69 41.52 1.35
C ASN B 483 31.00 41.26 0.02
N ALA B 484 30.59 40.01 -0.19
CA ALA B 484 29.96 39.59 -1.44
C ALA B 484 28.65 40.31 -1.74
N PHE B 485 27.97 40.78 -0.70
CA PHE B 485 26.71 41.49 -0.91
C PHE B 485 26.93 42.89 -1.48
N SER B 486 28.12 43.44 -1.27
CA SER B 486 28.38 44.79 -1.70
C SER B 486 29.46 44.85 -2.74
N GLY B 487 30.14 43.72 -2.97
CA GLY B 487 31.26 43.68 -3.91
C GLY B 487 32.57 44.00 -3.21
N ALA B 488 32.48 44.80 -2.15
CA ALA B 488 33.67 45.23 -1.42
C ALA B 488 34.62 44.07 -1.11
N GLY B 489 35.83 44.14 -1.66
CA GLY B 489 36.86 43.17 -1.37
C GLY B 489 36.84 41.93 -2.23
N LEU B 490 35.90 41.85 -3.17
CA LEU B 490 35.85 40.70 -4.07
C LEU B 490 36.88 40.88 -5.17
N THR B 491 37.68 39.85 -5.42
CA THR B 491 38.64 39.87 -6.50
C THR B 491 37.85 39.93 -7.80
N SER B 492 38.54 40.20 -8.90
CA SER B 492 37.86 40.31 -10.19
C SER B 492 37.20 39.01 -10.63
N GLN B 493 37.85 37.89 -10.36
CA GLN B 493 37.33 36.60 -10.77
C GLN B 493 36.00 36.37 -10.05
N GLN B 494 35.98 36.69 -8.77
CA GLN B 494 34.80 36.52 -7.95
C GLN B 494 33.64 37.36 -8.42
N ARG B 495 33.91 38.61 -8.77
CA ARG B 495 32.85 39.50 -9.23
C ARG B 495 32.28 38.99 -10.55
N ALA B 496 33.15 38.47 -11.41
CA ALA B 496 32.73 37.93 -12.69
C ALA B 496 31.82 36.69 -12.48
N ALA B 497 32.24 35.82 -11.58
CA ALA B 497 31.46 34.65 -11.25
C ALA B 497 30.08 35.10 -10.83
N GLN B 498 30.06 36.05 -9.92
CA GLN B 498 28.82 36.55 -9.39
C GLN B 498 27.97 37.22 -10.45
N ASP B 499 28.63 37.96 -11.34
CA ASP B 499 27.91 38.64 -12.43
C ASP B 499 27.32 37.61 -13.38
N LEU B 500 28.03 36.50 -13.61
CA LEU B 500 27.55 35.47 -14.51
C LEU B 500 26.35 34.76 -13.86
N VAL B 501 26.48 34.40 -12.60
CA VAL B 501 25.37 33.75 -11.89
C VAL B 501 24.15 34.64 -12.04
N ARG B 502 24.30 35.91 -11.69
CA ARG B 502 23.18 36.83 -11.76
C ARG B 502 22.57 36.89 -13.15
N LYS B 503 23.41 37.10 -14.15
CA LYS B 503 22.93 37.19 -15.52
C LYS B 503 22.29 35.89 -15.98
N LEU B 504 22.88 34.76 -15.60
CA LEU B 504 22.41 33.46 -16.08
C LEU B 504 21.12 33.00 -15.41
N ALA B 505 20.99 33.28 -14.11
CA ALA B 505 19.81 32.87 -13.35
C ALA B 505 18.65 33.78 -13.72
N ASN B 506 18.94 35.06 -13.89
CA ASN B 506 17.89 36.01 -14.24
C ASN B 506 17.37 35.77 -15.65
N TRP B 507 18.26 35.29 -16.52
CA TRP B 507 17.92 34.96 -17.88
C TRP B 507 17.03 33.71 -17.87
N ARG B 508 17.44 32.72 -17.09
CA ARG B 508 16.71 31.47 -16.98
C ARG B 508 15.25 31.67 -16.60
N LYS B 509 14.97 32.61 -15.71
CA LYS B 509 13.60 32.85 -15.30
C LYS B 509 12.74 33.19 -16.50
N ASN B 510 13.35 33.73 -17.53
CA ASN B 510 12.63 34.13 -18.73
C ASN B 510 12.77 33.13 -19.86
N GLN B 511 13.24 31.93 -19.57
CA GLN B 511 13.42 30.93 -20.61
C GLN B 511 12.51 29.74 -20.38
N PRO B 512 11.22 29.87 -20.63
CA PRO B 512 10.32 28.75 -20.45
C PRO B 512 10.83 27.52 -21.20
N VAL B 513 11.57 27.69 -22.29
CA VAL B 513 12.12 26.56 -23.00
C VAL B 513 13.05 25.72 -22.11
N ILE B 514 13.75 26.35 -21.18
CA ILE B 514 14.61 25.58 -20.31
C ILE B 514 13.78 24.88 -19.23
N HIS B 515 12.69 25.52 -18.84
CA HIS B 515 11.82 24.99 -17.81
C HIS B 515 11.06 23.76 -18.24
N ASN B 516 10.47 23.85 -19.43
CA ASN B 516 9.56 22.82 -19.93
C ASN B 516 9.94 22.21 -21.24
N GLY B 517 10.97 22.74 -21.86
CA GLY B 517 11.36 22.34 -23.20
C GLY B 517 11.94 20.95 -23.27
N ARG B 518 12.07 20.48 -24.49
CA ARG B 518 12.65 19.17 -24.73
C ARG B 518 14.15 19.31 -24.66
N LEU B 519 14.82 18.17 -24.64
CA LEU B 519 16.25 18.17 -24.63
C LEU B 519 16.74 17.16 -25.65
N MSE B 520 17.73 17.55 -26.43
CA MSE B 520 18.42 16.64 -27.31
C MSE B 520 19.89 16.88 -27.12
O MSE B 520 20.37 17.99 -27.26
CB MSE B 520 18.07 16.86 -28.78
CG MSE B 520 18.67 15.74 -29.63
SE MSE B 520 18.26 15.90 -31.51
CE MSE B 520 19.42 17.18 -31.88
N HIS B 521 20.62 15.84 -26.74
CA HIS B 521 22.03 15.98 -26.56
C HIS B 521 22.71 15.09 -27.57
N PHE B 522 23.98 15.38 -27.84
CA PHE B 522 24.75 14.61 -28.79
C PHE B 522 25.89 13.99 -28.04
N GLY B 523 26.28 12.79 -28.43
CA GLY B 523 27.36 12.12 -27.75
C GLY B 523 28.60 13.00 -27.76
N PRO B 524 29.19 13.25 -26.60
CA PRO B 524 30.42 14.04 -26.56
C PRO B 524 31.56 13.33 -27.28
N GLU B 525 32.41 14.11 -27.91
CA GLU B 525 33.57 13.60 -28.62
C GLU B 525 34.74 14.48 -28.27
N GLU B 526 35.86 13.87 -27.89
CA GLU B 526 37.04 14.64 -27.55
C GLU B 526 36.69 15.70 -26.49
N ASN B 527 35.82 15.34 -25.56
CA ASN B 527 35.41 16.26 -24.49
C ASN B 527 34.78 17.57 -24.95
N THR B 528 34.13 17.54 -26.11
CA THR B 528 33.31 18.68 -26.53
C THR B 528 31.90 18.14 -26.45
N TRP B 529 30.95 19.01 -26.15
CA TRP B 529 29.59 18.52 -25.97
C TRP B 529 28.59 19.55 -26.42
N VAL B 530 27.61 19.09 -27.17
CA VAL B 530 26.56 19.95 -27.66
C VAL B 530 25.21 19.34 -27.29
N TYR B 531 24.28 20.19 -26.84
CA TYR B 531 22.94 19.72 -26.61
C TYR B 531 22.02 20.89 -26.81
N PHE B 532 20.75 20.62 -27.01
CA PHE B 532 19.77 21.65 -27.23
C PHE B 532 18.58 21.53 -26.32
N ARG B 533 18.07 22.69 -25.91
CA ARG B 533 16.81 22.77 -25.23
C ARG B 533 15.94 23.40 -26.29
N TYR B 534 14.81 22.80 -26.59
CA TYR B 534 14.00 23.34 -27.66
C TYR B 534 12.54 23.09 -27.50
N ASN B 535 11.78 23.99 -28.12
CA ASN B 535 10.35 23.82 -28.27
C ASN B 535 9.99 24.63 -29.53
N LYS B 536 8.73 24.65 -29.90
CA LYS B 536 8.29 25.38 -31.09
C LYS B 536 8.58 26.87 -31.03
N ASP B 537 8.79 27.39 -29.82
CA ASP B 537 9.01 28.81 -29.64
C ASP B 537 10.48 29.22 -29.68
N LYS B 538 11.38 28.27 -29.42
CA LYS B 538 12.79 28.65 -29.31
C LYS B 538 13.72 27.48 -29.17
N ARG B 539 14.97 27.69 -29.57
CA ARG B 539 16.03 26.70 -29.38
C ARG B 539 17.14 27.36 -28.60
N ILE B 540 17.80 26.59 -27.75
CA ILE B 540 18.97 27.07 -27.04
C ILE B 540 20.00 26.01 -27.23
N MSE B 541 21.09 26.37 -27.88
CA MSE B 541 22.18 25.42 -28.06
C MSE B 541 23.27 25.71 -27.06
O MSE B 541 23.69 26.86 -26.88
CB MSE B 541 22.75 25.55 -29.45
CG MSE B 541 24.02 24.78 -29.62
SE MSE B 541 24.64 25.13 -31.40
CE MSE B 541 25.86 23.61 -31.63
N VAL B 542 23.72 24.67 -26.40
CA VAL B 542 24.81 24.79 -25.47
C VAL B 542 25.90 23.92 -26.02
N ALA B 543 27.06 24.52 -26.21
CA ALA B 543 28.18 23.81 -26.77
C ALA B 543 29.33 24.11 -25.85
N MSE B 544 29.98 23.09 -25.36
CA MSE B 544 31.09 23.31 -24.46
C MSE B 544 32.31 22.56 -24.97
O MSE B 544 32.19 21.51 -25.60
CB MSE B 544 30.76 22.93 -23.02
CG MSE B 544 30.25 21.53 -22.78
SE MSE B 544 29.80 21.30 -20.84
CE MSE B 544 28.17 22.25 -20.70
N ASN B 545 33.47 23.13 -24.73
CA ASN B 545 34.72 22.50 -25.11
C ASN B 545 35.54 22.36 -23.83
N ASN B 546 35.56 21.13 -23.31
CA ASN B 546 36.28 20.82 -22.08
C ASN B 546 37.70 20.39 -22.43
N ASN B 547 38.37 21.22 -23.22
CA ASN B 547 39.75 21.00 -23.61
C ASN B 547 40.47 22.34 -23.53
N ASP B 548 41.78 22.30 -23.35
CA ASP B 548 42.58 23.53 -23.30
C ASP B 548 43.17 23.83 -24.67
N LYS B 549 42.51 23.34 -25.70
CA LYS B 549 42.92 23.56 -27.07
C LYS B 549 41.64 23.94 -27.80
N PRO B 550 41.73 24.77 -28.83
CA PRO B 550 40.52 25.13 -29.58
C PRO B 550 39.97 23.89 -30.23
N MSE B 551 38.71 23.93 -30.61
CA MSE B 551 38.08 22.78 -31.21
C MSE B 551 37.10 23.25 -32.24
O MSE B 551 36.54 24.33 -32.11
CB MSE B 551 37.33 21.96 -30.16
CG MSE B 551 38.24 21.33 -29.12
SE MSE B 551 39.46 20.06 -29.92
CE MSE B 551 38.33 18.46 -29.97
N THR B 552 36.89 22.43 -33.25
CA THR B 552 35.93 22.74 -34.29
C THR B 552 34.98 21.58 -34.43
N LEU B 553 33.69 21.86 -34.30
CA LEU B 553 32.69 20.82 -34.46
C LEU B 553 31.92 21.07 -35.74
N PRO B 554 32.09 20.20 -36.73
CA PRO B 554 31.32 20.33 -37.98
C PRO B 554 29.82 20.35 -37.65
N THR B 555 29.12 21.37 -38.11
CA THR B 555 27.71 21.52 -37.79
C THR B 555 26.77 20.59 -38.56
N ALA B 556 27.30 19.76 -39.45
CA ALA B 556 26.46 18.83 -40.21
C ALA B 556 25.85 17.84 -39.23
N ARG B 557 26.67 17.42 -38.29
CA ARG B 557 26.29 16.48 -37.26
C ARG B 557 25.02 16.89 -36.51
N PHE B 558 24.83 18.19 -36.31
CA PHE B 558 23.73 18.72 -35.51
C PHE B 558 22.54 19.28 -36.31
N GLN B 559 22.44 18.91 -37.56
CA GLN B 559 21.41 19.48 -38.41
C GLN B 559 20.01 19.15 -37.95
N GLU B 560 19.85 18.02 -37.25
CA GLU B 560 18.56 17.65 -36.68
C GLU B 560 18.00 18.80 -35.83
N MSE B 561 18.89 19.51 -35.13
CA MSE B 561 18.49 20.66 -34.32
C MSE B 561 18.70 21.97 -35.06
O MSE B 561 17.87 22.87 -35.00
CB MSE B 561 19.36 20.74 -33.06
CG MSE B 561 18.93 19.87 -31.90
SE MSE B 561 17.09 19.95 -31.36
CE MSE B 561 16.73 21.78 -31.52
N LEU B 562 19.84 22.11 -35.73
CA LEU B 562 20.24 23.35 -36.39
C LEU B 562 19.40 23.70 -37.61
N LYS B 563 19.16 22.70 -38.45
CA LYS B 563 18.38 22.88 -39.66
C LYS B 563 18.87 24.11 -40.44
N GLY B 564 20.15 24.10 -40.78
CA GLY B 564 20.74 25.16 -41.57
C GLY B 564 20.66 26.56 -40.95
N ALA B 565 20.76 26.63 -39.64
CA ALA B 565 20.81 27.95 -38.99
C ALA B 565 22.15 28.49 -39.43
N PRO B 566 22.17 29.69 -39.98
CA PRO B 566 23.40 30.27 -40.50
C PRO B 566 24.38 30.50 -39.36
N SER B 567 23.84 31.05 -38.28
CA SER B 567 24.63 31.33 -37.11
C SER B 567 23.68 31.78 -36.04
N GLY B 568 24.20 32.17 -34.90
CA GLY B 568 23.37 32.59 -33.78
C GLY B 568 24.23 33.31 -32.76
N VAL B 569 23.60 34.10 -31.90
CA VAL B 569 24.37 34.87 -30.93
C VAL B 569 24.51 34.18 -29.57
N ASP B 570 25.76 34.11 -29.11
CA ASP B 570 26.09 33.58 -27.81
C ASP B 570 25.63 34.57 -26.74
N PHE B 571 24.67 34.14 -25.94
CA PHE B 571 24.13 34.98 -24.89
C PHE B 571 25.20 35.40 -23.89
N LEU B 572 26.19 34.54 -23.69
CA LEU B 572 27.26 34.84 -22.76
C LEU B 572 28.07 36.07 -23.20
N SER B 573 28.81 35.92 -24.29
CA SER B 573 29.69 36.97 -24.80
C SER B 573 29.02 38.01 -25.68
N GLY B 574 27.85 37.68 -26.22
CA GLY B 574 27.13 38.59 -27.10
C GLY B 574 27.58 38.46 -28.54
N LYS B 575 28.63 37.67 -28.76
CA LYS B 575 29.20 37.48 -30.09
C LYS B 575 28.39 36.55 -30.99
N THR B 576 28.48 36.78 -32.29
CA THR B 576 27.81 35.92 -33.26
C THR B 576 28.69 34.69 -33.44
N VAL B 577 28.07 33.53 -33.54
CA VAL B 577 28.83 32.30 -33.76
C VAL B 577 28.37 31.65 -35.04
N GLY B 578 29.30 31.33 -35.92
CA GLY B 578 28.97 30.71 -37.19
C GLY B 578 28.52 29.29 -36.95
N LEU B 579 27.38 28.94 -37.53
CA LEU B 579 26.82 27.60 -37.42
C LEU B 579 26.56 27.07 -38.82
N GLY B 580 27.26 27.67 -39.79
CA GLY B 580 27.10 27.34 -41.18
C GLY B 580 27.56 25.94 -41.50
N ARG B 581 28.84 25.66 -41.26
CA ARG B 581 29.38 24.33 -41.54
C ARG B 581 30.32 23.83 -40.46
N GLU B 582 30.58 24.65 -39.44
CA GLU B 582 31.46 24.24 -38.36
C GLU B 582 31.31 25.17 -37.16
N LEU B 583 31.32 24.58 -35.98
CA LEU B 583 31.23 25.35 -34.75
C LEU B 583 32.63 25.48 -34.18
N ARG B 584 33.06 26.72 -33.94
CA ARG B 584 34.41 26.96 -33.44
C ARG B 584 34.38 27.36 -31.97
N LEU B 585 35.00 26.54 -31.14
CA LEU B 585 35.01 26.80 -29.71
C LEU B 585 36.40 27.13 -29.21
N ALA B 586 36.51 28.22 -28.48
CA ALA B 586 37.77 28.57 -27.84
C ALA B 586 38.01 27.50 -26.78
N PRO B 587 39.26 27.34 -26.35
CA PRO B 587 39.57 26.40 -25.28
C PRO B 587 38.79 26.68 -23.99
N LYS B 588 38.51 25.61 -23.25
CA LYS B 588 37.80 25.68 -21.97
C LYS B 588 36.62 26.65 -22.05
N SER B 589 35.80 26.54 -23.09
CA SER B 589 34.72 27.51 -23.23
C SER B 589 33.33 26.88 -23.29
N VAL B 590 32.32 27.75 -23.25
CA VAL B 590 30.95 27.32 -23.35
C VAL B 590 30.18 28.44 -24.04
N VAL B 591 29.35 28.07 -24.99
CA VAL B 591 28.49 29.03 -25.66
C VAL B 591 27.04 28.61 -25.44
N VAL B 592 26.16 29.61 -25.39
CA VAL B 592 24.73 29.41 -25.27
C VAL B 592 24.07 30.22 -26.37
N ILE B 593 23.76 29.58 -27.49
CA ILE B 593 23.19 30.31 -28.59
C ILE B 593 21.67 30.20 -28.59
N GLU B 594 21.01 31.36 -28.58
CA GLU B 594 19.56 31.41 -28.69
C GLU B 594 19.15 31.50 -30.17
N LEU B 595 18.32 30.57 -30.62
CA LEU B 595 17.83 30.52 -32.00
C LEU B 595 16.30 30.48 -31.96
N PRO B 596 15.64 30.95 -33.01
CA PRO B 596 14.18 30.88 -33.06
C PRO B 596 13.73 29.43 -33.00
N GLY B 597 12.46 29.18 -32.74
CA GLY B 597 11.94 27.84 -32.64
C GLY B 597 11.88 27.16 -34.00
N LEU B 598 12.15 25.85 -34.01
CA LEU B 598 12.01 25.07 -35.23
C LEU B 598 10.58 25.24 -35.74
N PRO B 599 10.35 24.88 -37.00
CA PRO B 599 9.11 25.24 -37.67
C PRO B 599 7.85 24.75 -36.93
N GLU B 600 7.02 25.59 -36.47
CA CA C . -29.84 -30.50 14.67
CA CA D . -19.61 -2.81 3.09
CA CA E . 23.05 35.64 15.32
CA CA F . 16.33 5.11 10.23
#